data_4ON9
#
_entry.id   4ON9
#
_cell.length_a   98.910
_cell.length_b   112.990
_cell.length_c   124.260
_cell.angle_alpha   90.00
_cell.angle_beta   90.00
_cell.angle_gamma   90.00
#
_symmetry.space_group_name_H-M   'P 21 21 21'
#
loop_
_entity.id
_entity.type
_entity.pdbx_description
1 polymer 'Probable ATP-dependent RNA helicase DDX58'
2 non-polymer 'SULFATE ION'
3 non-polymer 'CHLORIDE ION'
4 water water
#
_entity_poly.entity_id   1
_entity_poly.type   'polypeptide(L)'
_entity_poly.pdbx_seq_one_letter_code
;MGSSHHHHHHSQDPNSSEVSDTNLYSPFKPRNYQLELALPAMKGKNTIICAPTGCGKTFVSLLICEHHLKKFPQGQKGKV
VFFANQIPVYEQQKSVFSKYFERHGYRVTGISGATAENVPVEQIVENNDIIILTPQILVNNLKKGTIPSLSIFTLMIFDE
CHNTSKQHPYNMIMFNYLDQKLGGSSGPLPQVIGLTASVGVGDAKNTDEALDYICKLCASLDASVIATVKHNLEELEQVV
YKPQKFFRKVESRISDKFKYIIAQLMRDTESLAKRICKDLENLSQIQNREFGTQKYEQWIVTVQKACMVFQMPDKDEESR
ICKALFLYTSHLRKYNDALIISEHARMKDALDYLKDFFSNVRAAGFDEIEQDLTQRFEEKLQELESVSRDPSNENPKLED
LCFILQEEYHLNPETITILFVKTRALVDALKNWIEGNPKLSFLKPGILTGRGKTNQNTGMTLPAQKCILDAFKASGDHNI
LIATSVADEGIDIAQCNLVILYEYVGNVIKMIQTRGRGRARGSKCFLLTSNAGVIEKEQINMYKEKMMNDSILRLQTWDE
AVFREKILHIQTHEKFIRDS
;
_entity_poly.pdbx_strand_id   A,B
#
loop_
_chem_comp.id
_chem_comp.type
_chem_comp.name
_chem_comp.formula
CL non-polymer 'CHLORIDE ION' 'Cl -1'
SO4 non-polymer 'SULFATE ION' 'O4 S -2'
#
# COMPACT_ATOMS: atom_id res chain seq x y z
N PHE A 28 20.40 -42.39 -12.47
CA PHE A 28 19.43 -41.39 -12.90
C PHE A 28 18.67 -41.93 -14.11
N LYS A 29 17.64 -42.72 -13.83
CA LYS A 29 16.73 -43.19 -14.86
C LYS A 29 16.06 -42.01 -15.54
N PRO A 30 15.95 -42.05 -16.88
CA PRO A 30 15.16 -41.03 -17.60
C PRO A 30 13.68 -41.14 -17.27
N ARG A 31 13.04 -40.02 -16.94
CA ARG A 31 11.60 -39.99 -16.71
C ARG A 31 10.88 -40.21 -18.05
N ASN A 32 9.63 -40.68 -18.00
CA ASN A 32 8.89 -40.91 -19.24
C ASN A 32 8.69 -39.63 -20.04
N TYR A 33 8.37 -38.53 -19.34
CA TYR A 33 8.10 -37.27 -20.03
C TYR A 33 9.35 -36.70 -20.67
N GLN A 34 10.50 -37.04 -20.09
CA GLN A 34 11.78 -36.62 -20.64
C GLN A 34 12.07 -37.32 -21.95
N LEU A 35 11.86 -38.64 -21.96
CA LEU A 35 12.01 -39.44 -23.18
C LEU A 35 11.03 -38.99 -24.26
N GLU A 36 9.85 -38.56 -23.84
CA GLU A 36 8.84 -38.07 -24.77
C GLU A 36 9.33 -36.81 -25.47
N LEU A 37 10.01 -35.95 -24.72
CA LEU A 37 10.52 -34.69 -25.26
C LEU A 37 11.69 -34.94 -26.19
N ALA A 38 12.53 -35.90 -25.84
CA ALA A 38 13.75 -36.16 -26.59
C ALA A 38 13.51 -36.76 -27.98
N LEU A 39 12.45 -37.56 -28.11
CA LEU A 39 12.25 -38.39 -29.31
C LEU A 39 12.37 -37.66 -30.66
N PRO A 40 11.64 -36.55 -30.88
CA PRO A 40 11.77 -35.88 -32.18
C PRO A 40 13.20 -35.46 -32.49
N ALA A 41 13.93 -35.06 -31.46
CA ALA A 41 15.32 -34.65 -31.62
C ALA A 41 16.21 -35.85 -31.93
N MET A 42 15.88 -36.98 -31.32
CA MET A 42 16.59 -38.23 -31.58
C MET A 42 16.31 -38.76 -32.97
N LYS A 43 15.13 -38.43 -33.50
CA LYS A 43 14.80 -38.81 -34.87
C LYS A 43 15.37 -37.77 -35.83
N GLY A 44 16.07 -36.79 -35.28
CA GLY A 44 16.89 -35.89 -36.08
C GLY A 44 16.29 -34.57 -36.51
N LYS A 45 15.02 -34.35 -36.15
CA LYS A 45 14.37 -33.08 -36.48
C LYS A 45 14.95 -31.95 -35.65
N ASN A 46 15.06 -30.77 -36.23
CA ASN A 46 15.38 -29.57 -35.47
C ASN A 46 14.21 -29.26 -34.55
N THR A 47 14.48 -29.18 -33.24
CA THR A 47 13.42 -29.14 -32.26
C THR A 47 13.56 -28.03 -31.24
N ILE A 48 12.41 -27.46 -30.84
CA ILE A 48 12.34 -26.61 -29.65
C ILE A 48 11.65 -27.40 -28.55
N ILE A 49 12.35 -27.58 -27.43
CA ILE A 49 11.80 -28.27 -26.28
C ILE A 49 11.28 -27.26 -25.25
N CYS A 50 9.95 -27.16 -25.16
CA CYS A 50 9.28 -26.21 -24.29
C CYS A 50 8.62 -26.94 -23.12
N ALA A 51 9.14 -26.71 -21.92
CA ALA A 51 8.75 -27.46 -20.75
C ALA A 51 9.01 -26.62 -19.50
N PRO A 52 8.44 -27.00 -18.34
CA PRO A 52 8.63 -26.22 -17.12
C PRO A 52 10.08 -26.16 -16.61
N THR A 53 10.46 -25.03 -16.01
CA THR A 53 11.78 -24.88 -15.38
C THR A 53 11.99 -25.95 -14.31
N GLY A 54 13.14 -26.62 -14.36
CA GLY A 54 13.48 -27.62 -13.37
C GLY A 54 12.97 -29.02 -13.66
N CYS A 55 12.39 -29.23 -14.83
CA CYS A 55 11.86 -30.54 -15.19
C CYS A 55 12.87 -31.41 -15.96
N GLY A 56 14.12 -30.95 -16.08
CA GLY A 56 15.16 -31.76 -16.70
C GLY A 56 15.42 -31.51 -18.18
N LYS A 57 15.07 -30.32 -18.66
CA LYS A 57 15.27 -29.94 -20.06
C LYS A 57 16.73 -30.09 -20.51
N THR A 58 17.66 -29.68 -19.66
CA THR A 58 19.09 -29.83 -19.97
C THR A 58 19.47 -31.32 -19.96
N PHE A 59 18.90 -32.08 -19.03
CA PHE A 59 19.09 -33.53 -19.01
C PHE A 59 18.59 -34.17 -20.31
N VAL A 60 17.47 -33.67 -20.82
CA VAL A 60 16.96 -34.14 -22.09
C VAL A 60 17.94 -33.80 -23.23
N SER A 61 18.53 -32.60 -23.20
CA SER A 61 19.53 -32.23 -24.19
C SER A 61 20.72 -33.20 -24.12
N LEU A 62 21.04 -33.66 -22.91
CA LEU A 62 22.13 -34.61 -22.71
C LEU A 62 21.80 -35.97 -23.34
N LEU A 63 20.59 -36.45 -23.11
CA LEU A 63 20.11 -37.68 -23.74
C LEU A 63 20.19 -37.55 -25.26
N ILE A 64 19.83 -36.38 -25.77
CA ILE A 64 19.90 -36.09 -27.20
C ILE A 64 21.35 -36.08 -27.69
N CYS A 65 22.24 -35.53 -26.88
CA CYS A 65 23.67 -35.51 -27.18
C CYS A 65 24.25 -36.93 -27.26
N GLU A 66 23.90 -37.76 -26.29
CA GLU A 66 24.35 -39.16 -26.23
C GLU A 66 23.88 -39.97 -27.45
N HIS A 67 22.59 -39.86 -27.76
CA HIS A 67 21.99 -40.52 -28.91
C HIS A 67 22.64 -40.07 -30.21
N HIS A 68 22.91 -38.77 -30.31
CA HIS A 68 23.49 -38.18 -31.49
C HIS A 68 24.88 -38.72 -31.82
N LEU A 69 25.77 -38.69 -30.82
CA LEU A 69 27.15 -39.09 -31.02
C LEU A 69 27.32 -40.58 -31.33
N LYS A 70 26.39 -41.41 -30.87
CA LYS A 70 26.43 -42.84 -31.18
C LYS A 70 26.08 -43.12 -32.65
N LYS A 71 25.39 -42.18 -33.30
CA LYS A 71 24.92 -42.38 -34.68
C LYS A 71 26.03 -42.52 -35.70
N PHE A 72 27.17 -41.91 -35.42
CA PHE A 72 28.23 -41.83 -36.41
C PHE A 72 29.02 -43.15 -36.51
N PRO A 73 29.24 -43.63 -37.75
CA PRO A 73 29.97 -44.87 -38.00
C PRO A 73 31.45 -44.73 -37.66
N GLN A 74 32.16 -45.86 -37.59
CA GLN A 74 33.60 -45.86 -37.31
C GLN A 74 34.36 -44.94 -38.26
N GLY A 75 35.33 -44.22 -37.73
CA GLY A 75 36.11 -43.27 -38.52
C GLY A 75 35.38 -41.97 -38.76
N GLN A 76 34.23 -41.81 -38.10
CA GLN A 76 33.45 -40.58 -38.20
C GLN A 76 33.13 -40.07 -36.80
N LYS A 77 33.36 -38.78 -36.58
CA LYS A 77 33.08 -38.18 -35.28
C LYS A 77 32.07 -37.05 -35.42
N GLY A 78 31.12 -37.01 -34.49
CA GLY A 78 30.22 -35.89 -34.39
C GLY A 78 30.83 -34.81 -33.52
N LYS A 79 30.31 -33.60 -33.64
CA LYS A 79 30.78 -32.49 -32.82
C LYS A 79 29.57 -31.70 -32.36
N VAL A 80 29.40 -31.58 -31.05
CA VAL A 80 28.23 -30.92 -30.49
C VAL A 80 28.63 -29.68 -29.71
N VAL A 81 27.84 -28.61 -29.85
CA VAL A 81 28.05 -27.40 -29.07
C VAL A 81 26.84 -27.11 -28.20
N PHE A 82 27.09 -26.78 -26.95
CA PHE A 82 26.04 -26.40 -26.01
C PHE A 82 26.19 -24.94 -25.66
N PHE A 83 25.13 -24.15 -25.89
CA PHE A 83 25.15 -22.73 -25.58
C PHE A 83 24.43 -22.41 -24.27
N ALA A 84 25.15 -21.76 -23.35
CA ALA A 84 24.58 -21.31 -22.09
C ALA A 84 24.37 -19.78 -22.06
N ASN A 85 23.22 -19.35 -21.54
CA ASN A 85 22.86 -17.94 -21.48
C ASN A 85 23.52 -17.19 -20.33
N GLN A 86 23.71 -17.86 -19.20
CA GLN A 86 24.37 -17.25 -18.05
C GLN A 86 25.46 -18.15 -17.49
N ILE A 87 26.38 -17.53 -16.73
CA ILE A 87 27.53 -18.22 -16.15
C ILE A 87 27.15 -19.40 -15.23
N PRO A 88 26.12 -19.26 -14.38
CA PRO A 88 25.80 -20.41 -13.53
C PRO A 88 25.37 -21.64 -14.32
N VAL A 89 24.60 -21.44 -15.38
CA VAL A 89 24.19 -22.55 -16.25
C VAL A 89 25.42 -23.17 -16.93
N TYR A 90 26.29 -22.30 -17.45
CA TYR A 90 27.56 -22.74 -18.05
C TYR A 90 28.38 -23.61 -17.11
N GLU A 91 28.58 -23.13 -15.88
CA GLU A 91 29.37 -23.88 -14.90
C GLU A 91 28.75 -25.24 -14.62
N GLN A 92 27.43 -25.28 -14.43
CA GLN A 92 26.76 -26.54 -14.09
C GLN A 92 26.81 -27.52 -15.26
N GLN A 93 26.59 -27.03 -16.47
CA GLN A 93 26.60 -27.92 -17.62
C GLN A 93 28.01 -28.37 -17.99
N LYS A 94 28.99 -27.53 -17.70
CA LYS A 94 30.38 -27.87 -17.93
C LYS A 94 30.78 -29.08 -17.10
N SER A 95 30.41 -29.03 -15.82
CA SER A 95 30.63 -30.16 -14.93
C SER A 95 29.86 -31.39 -15.40
N VAL A 96 28.56 -31.23 -15.61
CA VAL A 96 27.67 -32.35 -15.91
C VAL A 96 28.05 -33.10 -17.18
N PHE A 97 28.27 -32.36 -18.27
CA PHE A 97 28.57 -33.00 -19.54
C PHE A 97 29.93 -33.70 -19.56
N SER A 98 30.91 -33.13 -18.86
CA SER A 98 32.25 -33.71 -18.80
C SER A 98 32.27 -35.00 -18.00
N LYS A 99 31.63 -34.97 -16.84
CA LYS A 99 31.55 -36.14 -15.98
C LYS A 99 30.90 -37.32 -16.69
N TYR A 100 29.78 -37.06 -17.36
CA TYR A 100 29.05 -38.11 -18.04
C TYR A 100 29.79 -38.64 -19.26
N PHE A 101 30.41 -37.75 -20.02
CA PHE A 101 30.90 -38.10 -21.36
C PHE A 101 32.39 -38.41 -21.48
N GLU A 102 33.23 -37.82 -20.63
CA GLU A 102 34.65 -38.16 -20.66
C GLU A 102 34.83 -39.64 -20.34
N ARG A 103 33.94 -40.15 -19.50
CA ARG A 103 33.86 -41.57 -19.21
C ARG A 103 33.62 -42.38 -20.48
N HIS A 104 32.81 -41.84 -21.38
CA HIS A 104 32.47 -42.55 -22.60
C HIS A 104 33.53 -42.35 -23.69
N GLY A 105 34.63 -41.71 -23.33
CA GLY A 105 35.76 -41.58 -24.25
C GLY A 105 35.75 -40.31 -25.08
N TYR A 106 34.70 -39.51 -24.95
CA TYR A 106 34.63 -38.26 -25.67
C TYR A 106 35.46 -37.20 -24.95
N ARG A 107 35.92 -36.22 -25.72
CA ARG A 107 36.70 -35.10 -25.22
C ARG A 107 35.76 -33.92 -24.94
N VAL A 108 35.55 -33.59 -23.67
CA VAL A 108 34.64 -32.51 -23.31
C VAL A 108 35.35 -31.34 -22.64
N THR A 109 35.15 -30.14 -23.19
CA THR A 109 35.70 -28.93 -22.61
C THR A 109 34.64 -27.83 -22.61
N GLY A 110 34.81 -26.89 -21.68
CA GLY A 110 33.98 -25.70 -21.63
C GLY A 110 34.90 -24.52 -21.89
N ILE A 111 34.51 -23.59 -22.76
CA ILE A 111 35.28 -22.39 -23.03
C ILE A 111 34.40 -21.17 -22.69
N SER A 112 34.94 -20.27 -21.86
CA SER A 112 34.17 -19.16 -21.29
C SER A 112 34.87 -17.82 -21.45
N GLY A 113 34.13 -16.74 -21.20
CA GLY A 113 34.65 -15.39 -21.35
C GLY A 113 35.97 -15.18 -20.63
N ALA A 114 36.06 -15.72 -19.43
CA ALA A 114 37.32 -15.78 -18.70
C ALA A 114 38.24 -16.79 -19.39
N THR A 115 38.51 -16.55 -20.67
CA THR A 115 39.31 -17.46 -21.46
C THR A 115 40.76 -17.40 -21.02
N ALA A 116 41.53 -18.43 -21.37
CA ALA A 116 42.96 -18.42 -21.12
C ALA A 116 43.67 -17.46 -22.09
N GLU A 117 43.06 -17.26 -23.26
CA GLU A 117 43.44 -16.21 -24.23
C GLU A 117 44.72 -16.57 -25.02
N ASN A 118 45.38 -17.64 -24.60
CA ASN A 118 46.58 -18.15 -25.25
C ASN A 118 46.28 -19.15 -26.38
N VAL A 119 45.42 -20.12 -26.07
CA VAL A 119 45.03 -21.12 -27.04
C VAL A 119 43.87 -20.56 -27.83
N PRO A 120 44.00 -20.53 -29.17
CA PRO A 120 42.88 -19.98 -29.94
C PRO A 120 41.74 -20.98 -29.94
N VAL A 121 40.51 -20.54 -30.17
CA VAL A 121 39.34 -21.39 -29.93
C VAL A 121 39.27 -22.58 -30.89
N GLU A 122 39.77 -22.40 -32.11
CA GLU A 122 39.60 -23.40 -33.17
C GLU A 122 40.35 -24.68 -32.87
N GLN A 123 41.50 -24.54 -32.24
CA GLN A 123 42.26 -25.70 -31.85
C GLN A 123 41.40 -26.44 -30.83
N ILE A 124 40.83 -25.69 -29.88
CA ILE A 124 39.97 -26.30 -28.87
C ILE A 124 38.71 -26.92 -29.47
N VAL A 125 38.06 -26.24 -30.42
CA VAL A 125 36.89 -26.88 -31.03
C VAL A 125 37.34 -28.10 -31.85
N GLU A 126 38.53 -28.06 -32.44
CA GLU A 126 39.03 -29.23 -33.15
C GLU A 126 39.43 -30.32 -32.16
N ASN A 127 40.03 -29.91 -31.05
CA ASN A 127 40.50 -30.86 -30.05
C ASN A 127 39.38 -31.60 -29.31
N ASN A 128 38.22 -30.97 -29.15
CA ASN A 128 37.18 -31.57 -28.34
C ASN A 128 35.92 -31.95 -29.11
N ASP A 129 35.27 -33.03 -28.67
CA ASP A 129 34.04 -33.52 -29.28
C ASP A 129 32.81 -32.77 -28.75
N ILE A 130 32.87 -32.37 -27.49
CA ILE A 130 31.76 -31.66 -26.87
C ILE A 130 32.23 -30.35 -26.22
N ILE A 131 31.54 -29.26 -26.52
CA ILE A 131 31.96 -27.96 -26.01
C ILE A 131 30.81 -27.18 -25.34
N ILE A 132 31.06 -26.65 -24.14
CA ILE A 132 30.10 -25.74 -23.52
C ILE A 132 30.52 -24.30 -23.79
N LEU A 133 29.61 -23.51 -24.32
CA LEU A 133 29.96 -22.20 -24.86
C LEU A 133 29.02 -21.10 -24.42
N THR A 134 29.58 -20.00 -23.94
CA THR A 134 28.82 -18.76 -23.86
C THR A 134 28.77 -18.27 -25.29
N PRO A 135 27.59 -17.82 -25.73
CA PRO A 135 27.38 -17.62 -27.16
C PRO A 135 28.26 -16.53 -27.77
N GLN A 136 28.60 -15.49 -27.00
CA GLN A 136 29.33 -14.36 -27.56
C GLN A 136 30.74 -14.71 -28.04
N ILE A 137 31.43 -15.59 -27.33
CA ILE A 137 32.78 -15.99 -27.71
C ILE A 137 32.86 -16.55 -29.13
N LEU A 138 31.90 -17.40 -29.48
CA LEU A 138 31.83 -17.95 -30.83
C LEU A 138 31.66 -16.82 -31.87
N VAL A 139 30.76 -15.88 -31.60
CA VAL A 139 30.45 -14.79 -32.52
C VAL A 139 31.69 -14.00 -32.93
N ASN A 140 32.52 -13.66 -31.95
CA ASN A 140 33.79 -12.98 -32.21
C ASN A 140 34.66 -13.76 -33.19
N ASN A 141 34.70 -15.07 -33.02
CA ASN A 141 35.58 -15.94 -33.79
C ASN A 141 35.13 -16.13 -35.23
N LEU A 142 33.82 -16.16 -35.46
CA LEU A 142 33.27 -16.26 -36.80
C LEU A 142 33.65 -15.03 -37.63
N LYS A 143 33.45 -13.84 -37.06
CA LYS A 143 33.84 -12.59 -37.71
C LYS A 143 35.34 -12.56 -37.95
N LYS A 144 36.09 -12.98 -36.93
CA LYS A 144 37.54 -13.11 -37.05
C LYS A 144 37.89 -14.12 -38.15
N GLY A 145 37.08 -15.16 -38.28
CA GLY A 145 37.29 -16.16 -39.31
C GLY A 145 38.08 -17.36 -38.82
N THR A 146 38.45 -17.34 -37.54
CA THR A 146 39.15 -18.46 -36.92
C THR A 146 38.28 -19.71 -37.03
N ILE A 147 36.99 -19.55 -36.70
CA ILE A 147 35.98 -20.55 -37.02
C ILE A 147 35.34 -20.19 -38.36
N PRO A 148 35.76 -20.87 -39.44
CA PRO A 148 35.31 -20.49 -40.78
C PRO A 148 33.82 -20.70 -40.96
N SER A 149 33.28 -21.80 -40.44
CA SER A 149 31.89 -22.16 -40.68
C SER A 149 31.21 -22.81 -39.47
N LEU A 150 29.89 -22.84 -39.49
CA LEU A 150 29.12 -23.54 -38.48
C LEU A 150 29.05 -25.05 -38.79
N SER A 151 29.54 -25.44 -39.97
CA SER A 151 29.40 -26.82 -40.44
C SER A 151 30.13 -27.83 -39.56
N ILE A 152 31.22 -27.43 -38.94
CA ILE A 152 32.04 -28.37 -38.18
C ILE A 152 31.26 -28.95 -37.01
N PHE A 153 30.29 -28.19 -36.50
CA PHE A 153 29.39 -28.72 -35.47
C PHE A 153 28.36 -29.63 -36.11
N THR A 154 27.99 -30.71 -35.41
CA THR A 154 26.95 -31.61 -35.90
C THR A 154 25.66 -31.39 -35.11
N LEU A 155 25.79 -30.86 -33.89
CA LEU A 155 24.64 -30.61 -33.03
C LEU A 155 24.81 -29.32 -32.21
N MET A 156 23.80 -28.46 -32.26
CA MET A 156 23.80 -27.23 -31.48
C MET A 156 22.63 -27.19 -30.51
N ILE A 157 22.91 -26.85 -29.25
CA ILE A 157 21.86 -26.76 -28.24
C ILE A 157 21.83 -25.36 -27.62
N PHE A 158 20.67 -24.72 -27.65
CA PHE A 158 20.50 -23.39 -27.08
C PHE A 158 19.67 -23.42 -25.81
N ASP A 159 20.32 -23.30 -24.66
CA ASP A 159 19.61 -23.07 -23.42
C ASP A 159 18.97 -21.68 -23.46
N GLU A 160 17.74 -21.58 -22.93
CA GLU A 160 16.96 -20.35 -22.97
C GLU A 160 16.85 -19.82 -24.40
N CYS A 161 16.40 -20.66 -25.32
CA CYS A 161 16.46 -20.37 -26.76
C CYS A 161 15.50 -19.26 -27.18
N HIS A 162 14.63 -18.85 -26.28
CA HIS A 162 13.70 -17.76 -26.54
C HIS A 162 14.46 -16.46 -26.75
N ASN A 163 15.66 -16.38 -26.18
CA ASN A 163 16.54 -15.25 -26.36
C ASN A 163 17.01 -15.08 -27.83
N THR A 164 16.77 -16.08 -28.67
CA THR A 164 17.22 -16.03 -30.06
C THR A 164 16.40 -15.04 -30.88
N SER A 165 16.69 -13.75 -30.71
CA SER A 165 16.00 -12.68 -31.44
C SER A 165 16.69 -11.34 -31.20
N LYS A 166 16.29 -10.32 -31.98
CA LYS A 166 16.70 -8.94 -31.75
C LYS A 166 18.20 -8.74 -31.51
N GLN A 167 19.03 -9.30 -32.38
CA GLN A 167 20.49 -9.11 -32.34
C GLN A 167 21.13 -9.68 -31.07
N HIS A 168 20.50 -10.71 -30.49
CA HIS A 168 21.10 -11.50 -29.42
C HIS A 168 22.19 -12.38 -30.04
N PRO A 169 23.23 -12.74 -29.25
CA PRO A 169 24.27 -13.63 -29.77
C PRO A 169 23.71 -14.91 -30.40
N TYR A 170 22.68 -15.51 -29.80
CA TYR A 170 22.00 -16.67 -30.38
C TYR A 170 21.59 -16.35 -31.80
N ASN A 171 20.91 -15.22 -31.96
CA ASN A 171 20.43 -14.79 -33.26
C ASN A 171 21.61 -14.46 -34.18
N MET A 172 22.62 -13.78 -33.62
CA MET A 172 23.87 -13.52 -34.34
C MET A 172 24.46 -14.83 -34.90
N ILE A 173 24.50 -15.86 -34.06
CA ILE A 173 24.94 -17.19 -34.49
C ILE A 173 23.98 -17.78 -35.53
N MET A 174 22.68 -17.61 -35.30
CA MET A 174 21.68 -18.25 -36.17
C MET A 174 21.59 -17.61 -37.56
N PHE A 175 21.96 -16.34 -37.67
CA PHE A 175 22.00 -15.67 -38.96
C PHE A 175 23.01 -16.37 -39.88
N ASN A 176 24.23 -16.54 -39.36
CA ASN A 176 25.29 -17.26 -40.06
C ASN A 176 24.81 -18.61 -40.55
N TYR A 177 24.14 -19.34 -39.66
CA TYR A 177 23.52 -20.61 -40.00
C TYR A 177 22.60 -20.44 -41.20
N LEU A 178 21.80 -19.37 -41.18
CA LEU A 178 20.77 -19.16 -42.18
C LEU A 178 21.31 -18.74 -43.54
N ASP A 179 22.30 -17.85 -43.54
CA ASP A 179 22.93 -17.39 -44.77
C ASP A 179 23.47 -18.57 -45.58
N GLN A 180 24.26 -19.41 -44.94
CA GLN A 180 24.83 -20.59 -45.57
C GLN A 180 23.75 -21.54 -46.10
N LYS A 181 22.72 -21.76 -45.29
CA LYS A 181 21.61 -22.62 -45.70
C LYS A 181 20.85 -22.05 -46.88
N LEU A 182 20.47 -20.78 -46.77
CA LEU A 182 19.66 -20.14 -47.79
C LEU A 182 20.48 -19.82 -49.05
N GLY A 183 21.66 -19.23 -48.89
CA GLY A 183 22.56 -19.02 -50.01
C GLY A 183 23.26 -20.30 -50.38
N GLY A 184 22.53 -21.23 -50.99
CA GLY A 184 23.05 -22.56 -51.17
C GLY A 184 23.29 -23.11 -52.57
N SER A 185 24.53 -23.48 -52.93
CA SER A 185 25.80 -23.27 -52.20
C SER A 185 25.86 -23.55 -50.69
N SER A 186 25.23 -24.63 -50.25
CA SER A 186 25.09 -24.92 -48.83
C SER A 186 25.93 -26.11 -48.37
N GLY A 187 26.77 -25.87 -47.37
CA GLY A 187 27.49 -26.94 -46.71
C GLY A 187 26.56 -27.65 -45.74
N PRO A 188 27.00 -28.80 -45.21
CA PRO A 188 26.23 -29.53 -44.20
C PRO A 188 26.01 -28.67 -42.97
N LEU A 189 24.81 -28.70 -42.45
CA LEU A 189 24.46 -27.88 -41.30
C LEU A 189 24.02 -28.75 -40.13
N PRO A 190 24.33 -28.32 -38.91
CA PRO A 190 24.08 -29.10 -37.69
C PRO A 190 22.61 -29.07 -37.28
N GLN A 191 22.19 -30.11 -36.56
CA GLN A 191 20.86 -30.11 -35.95
C GLN A 191 20.83 -29.08 -34.83
N VAL A 192 19.72 -28.36 -34.72
CA VAL A 192 19.57 -27.32 -33.70
C VAL A 192 18.50 -27.65 -32.68
N ILE A 193 18.87 -27.63 -31.40
CA ILE A 193 17.92 -27.88 -30.31
C ILE A 193 17.82 -26.62 -29.45
N GLY A 194 16.59 -26.18 -29.18
CA GLY A 194 16.38 -25.06 -28.29
C GLY A 194 15.67 -25.50 -27.04
N LEU A 195 16.12 -25.00 -25.89
CA LEU A 195 15.46 -25.25 -24.61
C LEU A 195 14.82 -23.95 -24.11
N THR A 196 13.55 -24.02 -23.68
CA THR A 196 12.91 -22.86 -23.07
C THR A 196 11.72 -23.25 -22.20
N ALA A 197 11.51 -22.47 -21.13
CA ALA A 197 10.33 -22.65 -20.29
C ALA A 197 9.12 -22.07 -20.99
N SER A 198 9.38 -21.03 -21.79
CA SER A 198 8.34 -20.29 -22.48
C SER A 198 8.84 -19.69 -23.80
N VAL A 199 8.10 -19.90 -24.88
CA VAL A 199 8.45 -19.31 -26.18
C VAL A 199 8.23 -17.80 -26.19
N GLY A 200 7.38 -17.31 -25.29
CA GLY A 200 7.02 -15.92 -25.28
C GLY A 200 5.94 -15.72 -26.33
N VAL A 201 5.29 -14.57 -26.29
CA VAL A 201 4.15 -14.31 -27.17
C VAL A 201 4.23 -12.88 -27.67
N GLY A 202 5.20 -12.15 -27.13
CA GLY A 202 5.51 -10.82 -27.60
C GLY A 202 4.41 -9.78 -27.43
N ASP A 203 4.29 -8.92 -28.43
CA ASP A 203 3.37 -7.78 -28.40
C ASP A 203 1.99 -8.12 -28.93
N ALA A 204 1.83 -9.33 -29.42
CA ALA A 204 0.58 -9.81 -30.00
C ALA A 204 -0.65 -9.50 -29.14
N LYS A 205 -1.67 -8.85 -29.70
CA LYS A 205 -2.90 -8.72 -28.93
C LYS A 205 -3.92 -9.78 -29.32
N ASN A 206 -3.51 -10.70 -30.20
CA ASN A 206 -4.40 -11.73 -30.69
C ASN A 206 -3.70 -13.09 -30.73
N THR A 207 -4.50 -14.15 -30.64
CA THR A 207 -4.05 -15.52 -30.83
C THR A 207 -3.37 -15.68 -32.20
N ASP A 208 -3.98 -15.14 -33.24
CA ASP A 208 -3.42 -15.21 -34.58
C ASP A 208 -2.09 -14.45 -34.66
N GLU A 209 -2.08 -13.25 -34.09
CA GLU A 209 -0.85 -12.48 -33.94
C GLU A 209 0.16 -13.27 -33.11
N ALA A 210 -0.36 -13.95 -32.09
CA ALA A 210 0.45 -14.76 -31.18
C ALA A 210 1.14 -15.91 -31.90
N LEU A 211 0.39 -16.57 -32.79
CA LEU A 211 0.91 -17.68 -33.57
C LEU A 211 2.08 -17.25 -34.47
N ASP A 212 1.89 -16.15 -35.19
CA ASP A 212 2.92 -15.62 -36.07
C ASP A 212 4.22 -15.36 -35.30
N TYR A 213 4.12 -14.76 -34.12
CA TYR A 213 5.30 -14.51 -33.30
C TYR A 213 6.07 -15.79 -33.02
N ILE A 214 5.35 -16.81 -32.55
CA ILE A 214 5.96 -18.10 -32.25
C ILE A 214 6.71 -18.63 -33.47
N CYS A 215 6.11 -18.51 -34.65
CA CYS A 215 6.75 -18.96 -35.88
C CYS A 215 8.03 -18.16 -36.18
N LYS A 216 8.02 -16.87 -35.85
CA LYS A 216 9.22 -16.05 -35.99
C LYS A 216 10.40 -16.64 -35.21
N LEU A 217 10.13 -17.12 -34.00
CA LEU A 217 11.16 -17.78 -33.20
C LEU A 217 11.56 -19.11 -33.82
N CYS A 218 10.58 -19.88 -34.25
CA CYS A 218 10.84 -21.15 -34.94
C CYS A 218 11.71 -20.94 -36.17
N ALA A 219 11.41 -19.90 -36.94
CA ALA A 219 12.23 -19.56 -38.10
C ALA A 219 13.65 -19.22 -37.67
N SER A 220 13.78 -18.52 -36.56
CA SER A 220 15.07 -18.12 -36.03
C SER A 220 15.95 -19.30 -35.67
N LEU A 221 15.34 -20.37 -35.18
CA LEU A 221 16.07 -21.54 -34.73
C LEU A 221 15.93 -22.69 -35.72
N ASP A 222 15.33 -22.39 -36.88
CA ASP A 222 15.15 -23.36 -37.96
C ASP A 222 14.50 -24.65 -37.43
N ALA A 223 13.56 -24.50 -36.50
CA ALA A 223 12.92 -25.65 -35.89
C ALA A 223 11.68 -26.07 -36.68
N SER A 224 11.54 -27.37 -36.90
CA SER A 224 10.38 -27.90 -37.58
C SER A 224 9.41 -28.50 -36.56
N VAL A 225 9.91 -28.74 -35.36
CA VAL A 225 9.11 -29.34 -34.31
C VAL A 225 9.17 -28.58 -32.98
N ILE A 226 8.02 -28.36 -32.36
CA ILE A 226 7.94 -27.88 -30.99
C ILE A 226 7.51 -29.03 -30.09
N ALA A 227 8.36 -29.43 -29.15
CA ALA A 227 8.07 -30.59 -28.31
C ALA A 227 7.56 -30.17 -26.93
N THR A 228 6.34 -30.59 -26.60
CA THR A 228 5.79 -30.40 -25.27
C THR A 228 5.34 -31.76 -24.74
N VAL A 229 5.22 -31.90 -23.42
CA VAL A 229 4.78 -33.15 -22.84
C VAL A 229 3.26 -33.19 -22.84
N LYS A 230 2.70 -34.05 -23.67
CA LYS A 230 1.25 -34.20 -23.77
C LYS A 230 0.80 -35.48 -23.09
N HIS A 231 1.59 -36.54 -23.26
CA HIS A 231 1.20 -37.87 -22.81
C HIS A 231 1.46 -38.10 -21.31
N ASN A 232 2.55 -37.59 -20.79
CA ASN A 232 2.93 -37.85 -19.40
C ASN A 232 2.75 -36.65 -18.46
N LEU A 233 1.65 -35.92 -18.65
CA LEU A 233 1.34 -34.75 -17.85
C LEU A 233 1.27 -35.08 -16.35
N GLU A 234 0.68 -36.22 -16.03
CA GLU A 234 0.53 -36.63 -14.63
C GLU A 234 1.88 -36.84 -13.96
N GLU A 235 2.79 -37.54 -14.65
CA GLU A 235 4.12 -37.80 -14.13
C GLU A 235 4.92 -36.51 -13.95
N LEU A 236 4.91 -35.68 -14.98
CA LEU A 236 5.59 -34.39 -14.95
C LEU A 236 5.17 -33.56 -13.74
N GLU A 237 3.88 -33.55 -13.46
CA GLU A 237 3.32 -32.72 -12.39
C GLU A 237 3.84 -33.14 -11.00
N GLN A 238 4.23 -34.40 -10.85
CA GLN A 238 4.85 -34.87 -9.62
C GLN A 238 6.26 -34.33 -9.47
N VAL A 239 6.99 -34.26 -10.57
CA VAL A 239 8.37 -33.81 -10.56
C VAL A 239 8.48 -32.32 -10.31
N VAL A 240 7.65 -31.53 -11.00
CA VAL A 240 7.58 -30.09 -10.76
C VAL A 240 6.23 -29.71 -10.16
N TYR A 241 6.27 -29.12 -8.96
CA TYR A 241 5.05 -28.84 -8.22
C TYR A 241 4.59 -27.39 -8.40
N LYS A 242 3.56 -27.23 -9.23
CA LYS A 242 2.88 -25.97 -9.44
C LYS A 242 1.38 -26.15 -9.19
N PRO A 243 0.83 -25.46 -8.17
CA PRO A 243 -0.63 -25.37 -8.02
C PRO A 243 -1.20 -24.19 -8.80
N GLN A 244 -2.16 -24.45 -9.68
CA GLN A 244 -2.70 -23.41 -10.56
C GLN A 244 -3.29 -22.27 -9.73
N LYS A 245 -2.90 -21.05 -10.07
CA LYS A 245 -3.33 -19.87 -9.32
C LYS A 245 -4.60 -19.26 -9.90
N PHE A 246 -5.55 -18.97 -9.02
CA PHE A 246 -6.78 -18.32 -9.44
C PHE A 246 -7.00 -16.99 -8.72
N PHE A 247 -7.17 -15.94 -9.51
CA PHE A 247 -7.37 -14.61 -8.96
C PHE A 247 -8.84 -14.23 -9.08
N ARG A 248 -9.42 -13.77 -7.97
CA ARG A 248 -10.82 -13.41 -7.93
C ARG A 248 -11.03 -12.07 -7.27
N LYS A 249 -11.64 -11.15 -8.01
CA LYS A 249 -12.07 -9.87 -7.45
C LYS A 249 -13.11 -10.12 -6.36
N VAL A 250 -13.15 -9.25 -5.35
CA VAL A 250 -14.22 -9.28 -4.37
C VAL A 250 -14.74 -7.86 -4.17
N GLU A 251 -16.00 -7.71 -3.77
CA GLU A 251 -16.63 -6.39 -3.65
C GLU A 251 -17.19 -6.15 -2.26
N SER A 252 -17.15 -4.90 -1.82
CA SER A 252 -17.77 -4.49 -0.56
C SER A 252 -19.28 -4.33 -0.74
N ARG A 253 -20.03 -4.34 0.37
CA ARG A 253 -21.46 -4.05 0.34
C ARG A 253 -21.69 -2.68 -0.33
N ILE A 254 -22.69 -2.60 -1.21
CA ILE A 254 -23.08 -1.33 -1.79
C ILE A 254 -23.40 -0.32 -0.69
N SER A 255 -24.30 -0.72 0.20
CA SER A 255 -24.74 0.09 1.33
C SER A 255 -24.29 -0.53 2.65
N ASP A 256 -23.45 0.17 3.40
CA ASP A 256 -22.98 -0.34 4.69
C ASP A 256 -23.34 0.62 5.82
N LYS A 257 -24.53 0.45 6.38
CA LYS A 257 -24.99 1.30 7.48
C LYS A 257 -24.22 0.97 8.75
N PHE A 258 -23.81 -0.28 8.90
CA PHE A 258 -23.03 -0.70 10.06
C PHE A 258 -21.72 0.07 10.13
N LYS A 259 -21.03 0.18 9.00
CA LYS A 259 -19.81 0.97 8.93
C LYS A 259 -20.14 2.43 9.21
N TYR A 260 -21.30 2.87 8.72
CA TYR A 260 -21.71 4.26 8.86
C TYR A 260 -21.87 4.61 10.34
N ILE A 261 -22.66 3.82 11.05
CA ILE A 261 -22.88 3.99 12.48
C ILE A 261 -21.59 3.95 13.33
N ILE A 262 -20.77 2.93 13.11
CA ILE A 262 -19.52 2.75 13.86
C ILE A 262 -18.54 3.90 13.65
N ALA A 263 -18.37 4.32 12.40
CA ALA A 263 -17.48 5.44 12.09
C ALA A 263 -17.90 6.70 12.84
N GLN A 264 -19.20 6.90 13.02
CA GLN A 264 -19.66 8.07 13.75
C GLN A 264 -19.27 7.98 15.21
N LEU A 265 -19.47 6.80 15.81
CA LEU A 265 -18.98 6.55 17.16
C LEU A 265 -17.49 6.89 17.25
N MET A 266 -16.71 6.44 16.26
CA MET A 266 -15.27 6.69 16.23
C MET A 266 -14.94 8.16 16.10
N ARG A 267 -15.74 8.84 15.27
CA ARG A 267 -15.60 10.28 15.08
C ARG A 267 -15.82 11.00 16.41
N ASP A 268 -16.88 10.63 17.13
CA ASP A 268 -17.19 11.24 18.42
C ASP A 268 -16.08 11.03 19.44
N THR A 269 -15.58 9.80 19.51
CA THR A 269 -14.53 9.47 20.48
C THR A 269 -13.23 10.21 20.17
N GLU A 270 -12.92 10.38 18.89
CA GLU A 270 -11.78 11.20 18.49
C GLU A 270 -11.99 12.64 18.90
N SER A 271 -13.23 13.11 18.75
CA SER A 271 -13.56 14.50 19.04
C SER A 271 -13.32 14.79 20.52
N LEU A 272 -13.71 13.86 21.38
CA LEU A 272 -13.40 13.93 22.80
C LEU A 272 -11.89 13.97 23.03
N ALA A 273 -11.16 13.05 22.41
CA ALA A 273 -9.71 12.96 22.58
C ALA A 273 -8.99 14.21 22.07
N LYS A 274 -9.46 14.76 20.96
CA LYS A 274 -8.88 15.97 20.35
C LYS A 274 -8.99 17.20 21.25
N ARG A 275 -10.08 17.27 22.02
CA ARG A 275 -10.37 18.43 22.84
C ARG A 275 -9.35 18.57 23.98
N ILE A 276 -9.04 17.46 24.65
CA ILE A 276 -8.15 17.51 25.80
C ILE A 276 -6.68 17.61 25.39
N CYS A 277 -6.34 17.06 24.24
CA CYS A 277 -4.97 17.16 23.72
C CYS A 277 -4.93 18.00 22.45
N LYS A 278 -4.47 19.24 22.57
CA LYS A 278 -4.49 20.22 21.47
C LYS A 278 -3.86 19.71 20.19
N ASP A 279 -2.75 19.00 20.30
CA ASP A 279 -2.02 18.53 19.13
C ASP A 279 -1.90 17.01 19.07
N LEU A 280 -3.00 16.34 18.74
CA LEU A 280 -2.99 14.87 18.66
C LEU A 280 -1.98 14.40 17.62
N GLU A 281 -1.90 15.11 16.50
CA GLU A 281 -0.90 14.82 15.47
C GLU A 281 0.46 15.40 15.84
N SER A 284 0.21 11.68 15.28
CA SER A 284 1.52 11.35 15.82
C SER A 284 2.29 10.36 14.93
N GLN A 285 2.92 10.91 13.90
CA GLN A 285 3.88 10.23 13.01
C GLN A 285 3.25 9.27 11.99
N ILE A 286 1.94 9.06 12.07
CA ILE A 286 1.24 8.24 11.06
C ILE A 286 0.18 9.08 10.34
N GLN A 287 0.14 9.02 9.01
CA GLN A 287 -0.73 9.92 8.25
C GLN A 287 -1.93 9.30 7.55
N ASN A 288 -3.00 10.09 7.50
CA ASN A 288 -4.23 9.78 6.77
C ASN A 288 -4.78 8.43 7.17
N ARG A 289 -4.89 8.25 8.48
CA ARG A 289 -5.57 7.10 9.05
C ARG A 289 -7.02 7.04 8.57
N GLU A 290 -7.44 5.84 8.15
CA GLU A 290 -8.83 5.60 7.78
C GLU A 290 -9.43 4.58 8.73
N PHE A 291 -10.73 4.70 9.00
CA PHE A 291 -11.42 3.76 9.87
C PHE A 291 -11.53 2.41 9.19
N GLY A 292 -11.23 1.34 9.93
CA GLY A 292 -11.32 0.00 9.38
C GLY A 292 -10.06 -0.48 8.67
N THR A 293 -8.95 0.24 8.88
CA THR A 293 -7.69 -0.13 8.25
C THR A 293 -6.65 -0.54 9.30
N GLN A 294 -5.81 -1.51 8.96
CA GLN A 294 -4.69 -1.90 9.83
C GLN A 294 -3.75 -0.70 10.04
N LYS A 295 -3.71 0.19 9.06
CA LYS A 295 -2.90 1.38 9.18
C LYS A 295 -3.39 2.21 10.37
N TYR A 296 -4.71 2.24 10.57
CA TYR A 296 -5.31 2.92 11.71
C TYR A 296 -4.84 2.27 13.00
N GLU A 297 -4.70 0.95 12.98
CA GLU A 297 -4.19 0.21 14.13
C GLU A 297 -2.81 0.73 14.53
N GLN A 298 -1.93 0.90 13.55
CA GLN A 298 -0.59 1.44 13.77
C GLN A 298 -0.63 2.83 14.40
N TRP A 299 -1.53 3.67 13.91
CA TRP A 299 -1.69 5.02 14.47
C TRP A 299 -2.08 4.94 15.94
N ILE A 300 -3.08 4.12 16.24
CA ILE A 300 -3.49 3.90 17.63
C ILE A 300 -2.30 3.50 18.49
N VAL A 301 -1.54 2.50 18.04
CA VAL A 301 -0.39 2.00 18.79
C VAL A 301 0.62 3.10 19.10
N THR A 302 0.91 3.95 18.11
CA THR A 302 1.85 5.05 18.30
C THR A 302 1.36 6.00 19.38
N VAL A 303 0.09 6.38 19.32
CA VAL A 303 -0.50 7.29 20.31
C VAL A 303 -0.48 6.68 21.71
N GLN A 304 -0.75 5.39 21.82
CA GLN A 304 -0.67 4.69 23.09
C GLN A 304 0.77 4.68 23.62
N LYS A 305 1.73 4.46 22.72
CA LYS A 305 3.14 4.49 23.06
C LYS A 305 3.52 5.83 23.69
N ALA A 306 3.04 6.91 23.10
CA ALA A 306 3.27 8.24 23.65
C ALA A 306 2.68 8.38 25.05
N CYS A 307 1.52 7.74 25.28
CA CYS A 307 0.89 7.77 26.59
C CYS A 307 1.69 6.97 27.63
N MET A 308 2.42 5.96 27.17
CA MET A 308 3.18 5.09 28.06
C MET A 308 4.33 5.83 28.73
N VAL A 309 4.72 6.94 28.13
CA VAL A 309 5.80 7.77 28.64
C VAL A 309 5.58 8.21 30.08
N LYS A 315 0.79 18.82 36.72
CA LYS A 315 1.16 17.44 36.46
C LYS A 315 -0.06 16.54 36.48
N ASP A 316 -0.97 16.82 37.41
CA ASP A 316 -2.28 16.15 37.45
C ASP A 316 -2.89 16.17 36.05
N GLU A 317 -3.15 17.38 35.55
CA GLU A 317 -3.69 17.58 34.21
C GLU A 317 -2.93 16.77 33.16
N GLU A 318 -1.61 16.85 33.14
CA GLU A 318 -0.81 16.03 32.23
C GLU A 318 -1.06 14.53 32.46
N SER A 319 -1.17 14.14 33.73
CA SER A 319 -1.46 12.75 34.09
C SER A 319 -2.88 12.34 33.70
N ARG A 320 -3.88 13.13 34.12
CA ARG A 320 -5.28 12.88 33.77
C ARG A 320 -5.48 12.71 32.27
N ILE A 321 -4.92 13.63 31.49
CA ILE A 321 -5.10 13.61 30.04
C ILE A 321 -4.51 12.33 29.44
N CYS A 322 -3.32 11.96 29.91
CA CYS A 322 -2.69 10.70 29.47
C CYS A 322 -3.58 9.48 29.67
N LYS A 323 -4.27 9.41 30.81
CA LYS A 323 -5.18 8.31 31.11
C LYS A 323 -6.37 8.31 30.16
N ALA A 324 -6.91 9.50 29.92
CA ALA A 324 -8.08 9.65 29.07
C ALA A 324 -7.79 9.23 27.62
N LEU A 325 -6.68 9.72 27.07
CA LEU A 325 -6.26 9.32 25.73
C LEU A 325 -6.15 7.81 25.60
N PHE A 326 -5.47 7.19 26.56
CA PHE A 326 -5.27 5.74 26.57
C PHE A 326 -6.60 5.01 26.53
N LEU A 327 -7.58 5.53 27.26
CA LEU A 327 -8.91 4.94 27.28
C LEU A 327 -9.61 5.10 25.92
N TYR A 328 -9.49 6.29 25.34
CA TYR A 328 -10.08 6.59 24.04
C TYR A 328 -9.48 5.72 22.93
N THR A 329 -8.17 5.81 22.75
CA THR A 329 -7.45 5.00 21.76
C THR A 329 -7.74 3.50 21.93
N SER A 330 -7.91 3.05 23.17
CA SER A 330 -8.26 1.66 23.44
C SER A 330 -9.63 1.30 22.86
N HIS A 331 -10.57 2.23 22.97
CA HIS A 331 -11.90 2.05 22.42
C HIS A 331 -11.88 2.22 20.89
N LEU A 332 -11.15 3.22 20.42
CA LEU A 332 -10.97 3.43 18.99
C LEU A 332 -10.40 2.18 18.32
N ARG A 333 -9.47 1.53 19.01
CA ARG A 333 -8.88 0.30 18.51
C ARG A 333 -9.92 -0.80 18.36
N LYS A 334 -10.83 -0.90 19.33
CA LYS A 334 -11.85 -1.94 19.30
C LYS A 334 -12.84 -1.72 18.16
N TYR A 335 -13.26 -0.47 17.97
CA TYR A 335 -14.08 -0.10 16.84
C TYR A 335 -13.39 -0.46 15.51
N ASN A 336 -12.11 -0.09 15.40
CA ASN A 336 -11.34 -0.38 14.21
C ASN A 336 -11.31 -1.89 13.93
N ASP A 337 -11.13 -2.68 14.99
CA ASP A 337 -11.17 -4.13 14.86
C ASP A 337 -12.52 -4.58 14.33
N ALA A 338 -13.58 -4.01 14.88
CA ALA A 338 -14.94 -4.38 14.52
C ALA A 338 -15.24 -4.05 13.07
N LEU A 339 -14.77 -2.89 12.63
CA LEU A 339 -14.92 -2.48 11.23
C LEU A 339 -14.26 -3.48 10.28
N ILE A 340 -13.09 -4.00 10.68
CA ILE A 340 -12.36 -4.95 9.83
C ILE A 340 -13.07 -6.30 9.79
N ILE A 341 -13.60 -6.74 10.92
CA ILE A 341 -14.42 -7.95 10.98
C ILE A 341 -15.66 -7.82 10.08
N SER A 342 -16.40 -6.73 10.25
CA SER A 342 -17.57 -6.46 9.43
C SER A 342 -17.25 -6.50 7.93
N GLU A 343 -16.07 -6.01 7.58
CA GLU A 343 -15.67 -5.88 6.18
C GLU A 343 -15.45 -7.22 5.47
N HIS A 344 -14.86 -8.18 6.17
CA HIS A 344 -14.51 -9.46 5.58
C HIS A 344 -15.36 -10.64 6.10
N ALA A 345 -16.18 -10.37 7.12
CA ALA A 345 -17.10 -11.38 7.65
C ALA A 345 -18.49 -10.77 7.87
N ARG A 346 -19.33 -11.44 8.65
CA ARG A 346 -20.67 -10.93 8.94
C ARG A 346 -20.66 -9.72 9.88
N MET A 347 -21.64 -8.84 9.76
CA MET A 347 -21.85 -7.76 10.71
C MET A 347 -22.07 -8.34 12.12
N LYS A 348 -22.76 -9.47 12.19
CA LYS A 348 -23.02 -10.14 13.47
C LYS A 348 -21.71 -10.50 14.18
N ASP A 349 -20.77 -11.05 13.44
CA ASP A 349 -19.43 -11.31 13.97
C ASP A 349 -18.83 -10.04 14.56
N ALA A 350 -18.93 -8.94 13.82
CA ALA A 350 -18.39 -7.66 14.26
C ALA A 350 -19.14 -7.12 15.47
N LEU A 351 -20.47 -7.21 15.41
CA LEU A 351 -21.28 -6.73 16.52
C LEU A 351 -21.01 -7.56 17.78
N ASP A 352 -20.97 -8.88 17.63
CA ASP A 352 -20.65 -9.78 18.73
C ASP A 352 -19.32 -9.39 19.39
N TYR A 353 -18.31 -9.14 18.55
CA TYR A 353 -16.98 -8.71 19.03
C TYR A 353 -17.07 -7.48 19.92
N LEU A 354 -17.94 -6.54 19.57
CA LEU A 354 -18.08 -5.33 20.35
C LEU A 354 -18.79 -5.59 21.68
N LYS A 355 -19.76 -6.49 21.67
CA LYS A 355 -20.55 -6.83 22.86
C LYS A 355 -19.68 -7.39 23.99
N ASP A 356 -18.79 -8.31 23.65
CA ASP A 356 -17.91 -8.92 24.63
C ASP A 356 -16.98 -7.90 25.26
N PHE A 357 -16.34 -7.09 24.42
CA PHE A 357 -15.48 -6.02 24.89
C PHE A 357 -16.21 -5.14 25.88
N PHE A 358 -17.46 -4.82 25.55
CA PHE A 358 -18.26 -3.94 26.40
C PHE A 358 -18.87 -4.69 27.57
N SER A 359 -18.79 -6.01 27.53
CA SER A 359 -19.10 -6.84 28.70
C SER A 359 -17.82 -6.91 29.52
N ASN A 360 -16.69 -7.09 28.82
CA ASN A 360 -15.39 -7.07 29.45
C ASN A 360 -15.09 -5.75 30.18
N VAL A 361 -15.51 -4.60 29.65
CA VAL A 361 -15.20 -3.34 30.30
C VAL A 361 -15.98 -3.22 31.63
N ARG A 362 -17.17 -3.80 31.65
CA ARG A 362 -18.03 -3.81 32.83
C ARG A 362 -17.47 -4.67 33.96
N ALA A 363 -16.80 -5.77 33.58
CA ALA A 363 -16.18 -6.67 34.55
C ALA A 363 -15.18 -5.92 35.43
N ALA A 364 -14.31 -5.14 34.82
CA ALA A 364 -13.41 -4.25 35.55
C ALA A 364 -14.22 -3.20 36.30
N GLY A 365 -13.62 -2.61 37.32
CA GLY A 365 -14.25 -1.48 38.00
C GLY A 365 -14.60 -0.42 36.97
N PHE A 366 -15.85 0.01 36.96
CA PHE A 366 -16.31 0.96 35.96
C PHE A 366 -15.73 2.36 36.17
N ASP A 367 -15.00 2.83 35.18
CA ASP A 367 -14.57 4.22 35.13
C ASP A 367 -15.81 5.08 34.96
N GLU A 368 -15.71 6.38 35.26
CA GLU A 368 -16.77 7.31 34.94
C GLU A 368 -16.79 7.47 33.41
N ILE A 369 -15.60 7.49 32.83
CA ILE A 369 -15.43 7.63 31.40
C ILE A 369 -15.93 6.42 30.62
N GLU A 370 -15.66 5.23 31.13
CA GLU A 370 -16.06 4.00 30.46
C GLU A 370 -17.59 3.91 30.42
N GLN A 371 -18.23 4.29 31.52
CA GLN A 371 -19.68 4.39 31.61
C GLN A 371 -20.23 5.23 30.46
N ASP A 372 -19.61 6.38 30.22
CA ASP A 372 -20.00 7.27 29.13
C ASP A 372 -19.78 6.62 27.77
N LEU A 373 -18.57 6.12 27.53
CA LEU A 373 -18.26 5.45 26.28
C LEU A 373 -19.20 4.27 26.05
N THR A 374 -19.43 3.49 27.09
CA THR A 374 -20.34 2.35 27.01
C THR A 374 -21.77 2.78 26.70
N GLN A 375 -22.24 3.86 27.32
CA GLN A 375 -23.60 4.32 27.09
C GLN A 375 -23.77 4.82 25.66
N ARG A 376 -22.72 5.43 25.12
CA ARG A 376 -22.76 5.96 23.76
C ARG A 376 -22.89 4.82 22.76
N PHE A 377 -22.26 3.69 23.09
CA PHE A 377 -22.40 2.49 22.27
C PHE A 377 -23.79 1.88 22.43
N GLU A 378 -24.33 1.97 23.63
CA GLU A 378 -25.63 1.37 23.92
C GLU A 378 -26.77 2.09 23.20
N GLU A 379 -26.61 3.39 22.96
CA GLU A 379 -27.61 4.18 22.24
C GLU A 379 -27.78 3.70 20.81
N LYS A 380 -26.67 3.37 20.15
CA LYS A 380 -26.71 2.95 18.75
C LYS A 380 -26.93 1.45 18.57
N LEU A 381 -26.89 0.69 19.66
CA LEU A 381 -26.99 -0.77 19.60
C LEU A 381 -28.24 -1.28 18.88
N GLN A 382 -29.42 -0.84 19.33
CA GLN A 382 -30.69 -1.32 18.79
C GLN A 382 -30.69 -1.21 17.27
N GLU A 383 -30.18 -0.09 16.76
CA GLU A 383 -30.07 0.10 15.32
C GLU A 383 -29.08 -0.87 14.71
N LEU A 384 -27.93 -1.07 15.38
CA LEU A 384 -26.91 -1.99 14.91
C LEU A 384 -27.47 -3.40 14.76
N GLU A 385 -28.24 -3.84 15.76
CA GLU A 385 -28.91 -5.13 15.71
C GLU A 385 -29.83 -5.20 14.49
N SER A 386 -30.63 -4.16 14.30
CA SER A 386 -31.53 -4.07 13.16
C SER A 386 -30.82 -4.22 11.81
N VAL A 387 -29.73 -3.46 11.61
CA VAL A 387 -29.03 -3.52 10.33
C VAL A 387 -28.24 -4.82 10.20
N SER A 388 -27.82 -5.39 11.33
CA SER A 388 -27.07 -6.64 11.31
C SER A 388 -27.97 -7.83 10.93
N ARG A 389 -29.24 -7.77 11.29
CA ARG A 389 -30.17 -8.88 11.04
C ARG A 389 -30.62 -8.93 9.57
N ASP A 390 -30.67 -7.76 8.94
CA ASP A 390 -31.11 -7.63 7.54
C ASP A 390 -30.35 -8.56 6.59
N PRO A 391 -31.07 -9.45 5.88
CA PRO A 391 -30.49 -10.35 4.87
C PRO A 391 -29.79 -9.61 3.74
N SER A 392 -30.36 -8.48 3.31
CA SER A 392 -29.78 -7.71 2.21
C SER A 392 -28.43 -7.10 2.57
N ASN A 393 -28.20 -6.92 3.87
CA ASN A 393 -26.93 -6.37 4.36
C ASN A 393 -25.75 -7.36 4.30
N GLU A 394 -26.00 -8.59 3.82
CA GLU A 394 -24.97 -9.62 3.84
C GLU A 394 -23.75 -9.25 2.98
N ASN A 395 -22.59 -9.66 3.47
CA ASN A 395 -21.31 -9.43 2.84
C ASN A 395 -21.12 -10.28 1.57
N PRO A 396 -20.94 -9.61 0.43
CA PRO A 396 -20.64 -10.22 -0.87
C PRO A 396 -19.37 -11.08 -0.81
N LYS A 397 -18.35 -10.58 -0.11
CA LYS A 397 -17.09 -11.29 0.02
C LYS A 397 -17.25 -12.64 0.70
N LEU A 398 -18.15 -12.69 1.67
CA LEU A 398 -18.40 -13.93 2.38
C LEU A 398 -19.13 -14.91 1.46
N GLU A 399 -20.10 -14.40 0.70
CA GLU A 399 -20.84 -15.23 -0.25
C GLU A 399 -19.92 -15.83 -1.32
N ASP A 400 -18.94 -15.06 -1.79
CA ASP A 400 -17.97 -15.56 -2.76
C ASP A 400 -17.10 -16.66 -2.14
N LEU A 401 -16.55 -16.38 -0.96
CA LEU A 401 -15.71 -17.35 -0.26
C LEU A 401 -16.46 -18.66 -0.04
N CYS A 402 -17.66 -18.56 0.52
CA CYS A 402 -18.51 -19.73 0.73
C CYS A 402 -18.69 -20.56 -0.53
N PHE A 403 -19.06 -19.92 -1.63
CA PHE A 403 -19.37 -20.65 -2.85
C PHE A 403 -18.16 -21.39 -3.40
N ILE A 404 -16.98 -20.78 -3.29
CA ILE A 404 -15.75 -21.42 -3.75
C ILE A 404 -15.47 -22.68 -2.94
N LEU A 405 -15.68 -22.60 -1.62
CA LEU A 405 -15.49 -23.74 -0.73
C LEU A 405 -16.47 -24.88 -1.06
N GLN A 406 -17.75 -24.52 -1.25
CA GLN A 406 -18.76 -25.49 -1.66
C GLN A 406 -18.37 -26.19 -2.95
N GLU A 407 -17.94 -25.40 -3.92
CA GLU A 407 -17.64 -25.90 -5.26
C GLU A 407 -16.44 -26.84 -5.25
N GLU A 408 -15.37 -26.42 -4.57
CA GLU A 408 -14.13 -27.19 -4.54
C GLU A 408 -14.24 -28.47 -3.74
N TYR A 409 -14.90 -28.42 -2.59
CA TYR A 409 -15.10 -29.63 -1.78
C TYR A 409 -16.11 -30.55 -2.39
N HIS A 410 -16.95 -30.01 -3.27
CA HIS A 410 -17.82 -30.84 -4.07
C HIS A 410 -16.99 -31.68 -5.03
N LEU A 411 -15.97 -31.06 -5.63
CA LEU A 411 -15.09 -31.76 -6.54
C LEU A 411 -14.27 -32.81 -5.79
N ASN A 412 -13.64 -32.39 -4.70
CA ASN A 412 -12.84 -33.29 -3.87
C ASN A 412 -13.15 -33.15 -2.38
N PRO A 413 -13.95 -34.07 -1.84
CA PRO A 413 -14.21 -34.09 -0.39
C PRO A 413 -12.93 -34.22 0.44
N GLU A 414 -11.91 -34.86 -0.13
CA GLU A 414 -10.68 -35.13 0.59
C GLU A 414 -9.86 -33.88 0.86
N THR A 415 -10.25 -32.75 0.25
CA THR A 415 -9.48 -31.52 0.31
C THR A 415 -9.15 -31.08 1.73
N ILE A 416 -7.93 -30.58 1.93
CA ILE A 416 -7.54 -29.93 3.18
C ILE A 416 -7.15 -28.51 2.83
N THR A 417 -7.65 -27.53 3.59
CA THR A 417 -7.51 -26.13 3.20
C THR A 417 -6.87 -25.29 4.29
N ILE A 418 -6.01 -24.34 3.90
CA ILE A 418 -5.55 -23.32 4.82
C ILE A 418 -6.10 -21.97 4.38
N LEU A 419 -6.74 -21.27 5.31
CA LEU A 419 -7.37 -19.98 5.02
C LEU A 419 -6.58 -18.84 5.67
N PHE A 420 -6.07 -17.92 4.84
CA PHE A 420 -5.30 -16.80 5.35
C PHE A 420 -6.14 -15.51 5.40
N VAL A 421 -6.28 -14.94 6.60
CA VAL A 421 -7.08 -13.73 6.78
C VAL A 421 -6.27 -12.58 7.39
N LYS A 422 -6.83 -11.37 7.34
CA LYS A 422 -6.13 -10.16 7.75
C LYS A 422 -5.68 -10.12 9.22
N THR A 423 -6.60 -10.45 10.14
CA THR A 423 -6.32 -10.26 11.56
C THR A 423 -6.73 -11.45 12.43
N ARG A 424 -6.24 -11.46 13.66
CA ARG A 424 -6.55 -12.53 14.60
C ARG A 424 -8.02 -12.54 14.95
N ALA A 425 -8.60 -11.35 15.12
CA ALA A 425 -10.03 -11.24 15.39
C ALA A 425 -10.84 -11.87 14.27
N LEU A 426 -10.40 -11.70 13.03
CA LEU A 426 -11.07 -12.32 11.88
C LEU A 426 -10.97 -13.85 11.91
N VAL A 427 -9.86 -14.38 12.40
CA VAL A 427 -9.70 -15.82 12.55
C VAL A 427 -10.86 -16.42 13.34
N ASP A 428 -11.23 -15.76 14.43
CA ASP A 428 -12.35 -16.17 15.27
C ASP A 428 -13.70 -16.00 14.57
N ALA A 429 -13.85 -14.88 13.87
CA ALA A 429 -15.09 -14.60 13.16
C ALA A 429 -15.36 -15.67 12.11
N LEU A 430 -14.39 -15.87 11.23
CA LEU A 430 -14.55 -16.85 10.16
C LEU A 430 -14.78 -18.27 10.68
N LYS A 431 -14.11 -18.63 11.78
CA LYS A 431 -14.30 -19.97 12.35
C LYS A 431 -15.71 -20.17 12.86
N ASN A 432 -16.22 -19.16 13.57
CA ASN A 432 -17.58 -19.21 14.06
C ASN A 432 -18.56 -19.27 12.91
N TRP A 433 -18.24 -18.53 11.85
CA TRP A 433 -19.11 -18.46 10.69
C TRP A 433 -19.24 -19.82 10.00
N ILE A 434 -18.13 -20.51 9.82
CA ILE A 434 -18.14 -21.85 9.23
C ILE A 434 -18.90 -22.84 10.10
N GLU A 435 -18.74 -22.73 11.41
CA GLU A 435 -19.38 -23.67 12.33
C GLU A 435 -20.89 -23.55 12.36
N GLY A 436 -21.39 -22.32 12.19
CA GLY A 436 -22.82 -22.06 12.28
C GLY A 436 -23.51 -22.10 10.93
N ASN A 437 -22.73 -22.28 9.87
CA ASN A 437 -23.27 -22.31 8.52
C ASN A 437 -23.61 -23.73 8.08
N PRO A 438 -24.89 -24.03 7.91
CA PRO A 438 -25.34 -25.38 7.59
C PRO A 438 -24.87 -25.80 6.19
N LYS A 439 -24.75 -24.83 5.30
CA LYS A 439 -24.25 -25.10 3.96
C LYS A 439 -22.74 -25.42 3.96
N LEU A 440 -22.05 -25.12 5.05
CA LEU A 440 -20.63 -25.48 5.17
C LEU A 440 -20.41 -26.62 6.16
N SER A 441 -21.41 -27.48 6.32
CA SER A 441 -21.33 -28.56 7.29
C SER A 441 -20.16 -29.53 7.05
N PHE A 442 -19.79 -29.73 5.78
CA PHE A 442 -18.69 -30.62 5.44
C PHE A 442 -17.36 -30.18 6.05
N LEU A 443 -17.18 -28.87 6.23
CA LEU A 443 -15.96 -28.35 6.84
C LEU A 443 -16.01 -28.49 8.37
N LYS A 444 -14.88 -28.86 8.96
CA LYS A 444 -14.69 -28.73 10.40
C LYS A 444 -13.53 -27.78 10.61
N PRO A 445 -13.83 -26.53 11.01
CA PRO A 445 -12.77 -25.50 11.04
C PRO A 445 -11.82 -25.68 12.21
N GLY A 446 -10.54 -25.43 11.95
CA GLY A 446 -9.55 -25.43 13.00
C GLY A 446 -8.72 -24.15 12.94
N ILE A 447 -8.55 -23.50 14.07
CA ILE A 447 -7.68 -22.34 14.13
C ILE A 447 -6.22 -22.78 13.90
N LEU A 448 -5.43 -21.92 13.26
CA LEU A 448 -4.01 -22.16 13.01
C LEU A 448 -3.78 -23.26 11.98
N PHE A 472 3.02 -29.55 8.20
CA PHE A 472 1.66 -30.08 8.12
C PHE A 472 1.68 -31.47 7.47
N LYS A 473 0.71 -32.35 7.76
CA LYS A 473 -0.43 -32.08 8.62
C LYS A 473 -0.22 -32.52 10.07
N ALA A 474 -0.28 -31.54 10.96
CA ALA A 474 -0.29 -31.76 12.41
C ALA A 474 -1.59 -32.46 12.81
N SER A 475 -2.70 -31.92 12.34
CA SER A 475 -4.02 -32.45 12.69
C SER A 475 -4.84 -32.93 11.48
N GLY A 476 -5.19 -34.22 11.49
CA GLY A 476 -5.99 -34.79 10.43
C GLY A 476 -7.47 -34.44 10.52
N ASP A 477 -7.95 -34.21 11.74
CA ASP A 477 -9.39 -34.09 12.01
C ASP A 477 -10.04 -32.83 11.43
N HIS A 478 -9.27 -31.75 11.33
CA HIS A 478 -9.77 -30.52 10.72
C HIS A 478 -9.36 -30.42 9.25
N ASN A 479 -10.34 -30.30 8.35
CA ASN A 479 -10.07 -30.25 6.92
C ASN A 479 -9.97 -28.83 6.37
N ILE A 480 -10.13 -27.84 7.25
CA ILE A 480 -9.83 -26.45 6.91
C ILE A 480 -9.23 -25.75 8.12
N LEU A 481 -8.21 -24.93 7.89
CA LEU A 481 -7.60 -24.17 8.96
C LEU A 481 -7.49 -22.69 8.66
N ILE A 482 -7.94 -21.89 9.62
CA ILE A 482 -7.94 -20.46 9.48
C ILE A 482 -6.71 -19.91 10.18
N ALA A 483 -5.92 -19.12 9.45
CA ALA A 483 -4.67 -18.61 9.99
C ALA A 483 -4.41 -17.20 9.53
N THR A 484 -3.64 -16.47 10.32
CA THR A 484 -3.14 -15.18 9.94
C THR A 484 -1.70 -15.14 10.41
N SER A 485 -0.85 -14.36 9.74
CA SER A 485 0.56 -14.35 10.10
C SER A 485 1.17 -12.96 10.02
N VAL A 486 2.27 -12.81 10.75
CA VAL A 486 2.99 -11.55 10.84
C VAL A 486 3.53 -11.13 9.48
N ALA A 487 3.43 -9.83 9.17
CA ALA A 487 3.98 -9.29 7.95
C ALA A 487 5.47 -9.07 8.11
N ASP A 488 6.26 -9.93 7.47
CA ASP A 488 7.71 -9.85 7.56
C ASP A 488 8.39 -9.95 6.21
N GLU A 489 9.72 -9.89 6.23
CA GLU A 489 10.49 -10.25 5.06
C GLU A 489 10.56 -11.78 5.00
N GLY A 490 10.42 -12.44 6.14
CA GLY A 490 10.31 -13.90 6.19
C GLY A 490 9.02 -14.41 5.56
N ILE A 491 9.08 -15.59 4.94
CA ILE A 491 7.95 -16.14 4.20
C ILE A 491 7.35 -17.40 4.87
N ASP A 492 6.02 -17.50 4.91
CA ASP A 492 5.37 -18.68 5.50
C ASP A 492 5.23 -19.80 4.47
N ILE A 493 5.21 -21.05 4.93
CA ILE A 493 5.07 -22.19 4.04
C ILE A 493 3.78 -22.96 4.30
N ALA A 494 3.09 -23.34 3.22
CA ALA A 494 1.79 -24.02 3.32
C ALA A 494 1.81 -25.40 2.69
N GLN A 495 1.31 -26.38 3.42
CA GLN A 495 1.26 -27.76 2.92
C GLN A 495 -0.18 -28.24 2.92
N CYS A 496 -0.84 -28.16 1.77
CA CYS A 496 -2.26 -28.50 1.64
C CYS A 496 -2.70 -28.49 0.18
N ASN A 497 -3.85 -29.08 -0.09
CA ASN A 497 -4.38 -29.12 -1.46
C ASN A 497 -4.88 -27.75 -1.93
N LEU A 498 -5.45 -27.00 -1.00
CA LEU A 498 -6.09 -25.73 -1.33
C LEU A 498 -5.66 -24.60 -0.40
N VAL A 499 -5.22 -23.49 -0.98
CA VAL A 499 -4.87 -22.30 -0.22
C VAL A 499 -5.75 -21.14 -0.64
N ILE A 500 -6.42 -20.53 0.33
CA ILE A 500 -7.19 -19.33 0.04
C ILE A 500 -6.57 -18.12 0.73
N LEU A 501 -6.21 -17.12 -0.06
CA LEU A 501 -5.73 -15.85 0.47
C LEU A 501 -6.90 -14.86 0.53
N TYR A 502 -7.45 -14.68 1.72
CA TYR A 502 -8.65 -13.85 1.91
C TYR A 502 -8.28 -12.40 2.23
N GLU A 503 -8.04 -11.60 1.19
CA GLU A 503 -7.61 -10.21 1.32
C GLU A 503 -6.33 -10.15 2.16
N TYR A 504 -5.48 -11.14 1.97
CA TYR A 504 -4.31 -11.34 2.81
C TYR A 504 -3.08 -10.59 2.30
N VAL A 505 -2.56 -9.70 3.13
CA VAL A 505 -1.41 -8.88 2.77
C VAL A 505 -0.16 -9.31 3.52
N GLY A 506 -0.23 -10.44 4.19
CA GLY A 506 0.91 -10.97 4.91
C GLY A 506 2.05 -11.34 3.99
N ASN A 507 3.21 -11.55 4.59
CA ASN A 507 4.40 -12.00 3.88
C ASN A 507 4.10 -13.24 3.06
N VAL A 508 4.66 -13.27 1.85
CA VAL A 508 4.31 -14.24 0.80
C VAL A 508 4.25 -15.70 1.30
N ILE A 509 3.51 -16.54 0.58
CA ILE A 509 3.32 -17.93 0.98
C ILE A 509 3.91 -18.89 -0.06
N LYS A 510 4.44 -20.02 0.39
CA LYS A 510 4.94 -21.05 -0.51
C LYS A 510 4.12 -22.33 -0.34
N MET A 511 3.74 -22.97 -1.45
CA MET A 511 2.94 -24.19 -1.36
C MET A 511 3.81 -25.43 -1.60
N ILE A 512 3.50 -26.50 -0.86
CA ILE A 512 4.34 -27.68 -0.83
C ILE A 512 3.51 -28.96 -0.87
N GLN A 513 4.02 -29.97 -1.56
CA GLN A 513 3.39 -31.30 -1.64
C GLN A 513 3.05 -31.85 -0.26
N GLY A 522 -4.30 -32.28 -8.20
CA GLY A 522 -4.89 -30.99 -8.51
C GLY A 522 -4.95 -30.09 -7.28
N SER A 523 -3.88 -29.32 -7.08
CA SER A 523 -3.84 -28.34 -6.01
C SER A 523 -4.03 -26.94 -6.55
N LYS A 524 -4.70 -26.08 -5.78
CA LYS A 524 -4.96 -24.72 -6.23
C LYS A 524 -4.79 -23.68 -5.12
N CYS A 525 -4.47 -22.47 -5.55
CA CYS A 525 -4.42 -21.33 -4.64
C CYS A 525 -5.37 -20.26 -5.15
N PHE A 526 -6.24 -19.78 -4.27
CA PHE A 526 -7.16 -18.71 -4.63
C PHE A 526 -6.72 -17.41 -3.98
N LEU A 527 -6.56 -16.38 -4.80
CA LEU A 527 -6.22 -15.05 -4.31
C LEU A 527 -7.40 -14.13 -4.46
N LEU A 528 -8.03 -13.78 -3.33
CA LEU A 528 -9.16 -12.87 -3.34
C LEU A 528 -8.74 -11.47 -2.91
N THR A 529 -8.93 -10.49 -3.78
CA THR A 529 -8.54 -9.11 -3.46
C THR A 529 -9.56 -8.10 -3.96
N SER A 530 -9.52 -6.92 -3.32
CA SER A 530 -10.40 -5.82 -3.70
C SER A 530 -9.71 -4.87 -4.67
N ASN A 531 -8.50 -5.23 -5.08
CA ASN A 531 -7.69 -4.40 -5.96
C ASN A 531 -7.93 -4.74 -7.43
N ALA A 532 -8.50 -3.79 -8.17
CA ALA A 532 -8.79 -3.97 -9.58
C ALA A 532 -7.50 -4.14 -10.39
N GLY A 533 -6.49 -3.36 -10.04
CA GLY A 533 -5.23 -3.35 -10.76
C GLY A 533 -4.52 -4.69 -10.84
N VAL A 534 -4.43 -5.40 -9.71
CA VAL A 534 -3.80 -6.71 -9.72
C VAL A 534 -4.63 -7.71 -10.53
N ILE A 535 -5.96 -7.59 -10.46
CA ILE A 535 -6.84 -8.52 -11.17
C ILE A 535 -6.66 -8.33 -12.68
N GLU A 536 -6.55 -7.07 -13.11
CA GLU A 536 -6.42 -6.78 -14.53
C GLU A 536 -5.13 -7.36 -15.06
N LYS A 537 -4.07 -7.20 -14.28
CA LYS A 537 -2.75 -7.67 -14.67
C LYS A 537 -2.73 -9.19 -14.82
N GLU A 538 -3.32 -9.90 -13.86
CA GLU A 538 -3.36 -11.36 -13.93
C GLU A 538 -4.25 -11.85 -15.07
N GLN A 539 -5.28 -11.08 -15.39
CA GLN A 539 -6.17 -11.43 -16.49
C GLN A 539 -5.43 -11.34 -17.83
N ILE A 540 -4.57 -10.33 -17.96
CA ILE A 540 -3.73 -10.20 -19.14
C ILE A 540 -2.75 -11.37 -19.22
N ASN A 541 -2.04 -11.64 -18.13
CA ASN A 541 -1.10 -12.75 -18.07
C ASN A 541 -1.71 -14.09 -18.45
N MET A 542 -2.87 -14.41 -17.85
CA MET A 542 -3.54 -15.68 -18.12
C MET A 542 -3.94 -15.75 -19.58
N TYR A 543 -4.31 -14.60 -20.14
CA TYR A 543 -4.68 -14.53 -21.54
C TYR A 543 -3.47 -14.85 -22.41
N LYS A 544 -2.35 -14.22 -22.09
CA LYS A 544 -1.11 -14.45 -22.84
C LYS A 544 -0.67 -15.91 -22.77
N GLU A 545 -0.67 -16.46 -21.56
CA GLU A 545 -0.43 -17.89 -21.41
C GLU A 545 -1.39 -18.64 -22.35
N LYS A 546 -2.68 -18.40 -22.17
CA LYS A 546 -3.73 -19.00 -23.00
C LYS A 546 -3.41 -18.90 -24.48
N MET A 547 -3.06 -17.70 -24.96
CA MET A 547 -2.74 -17.51 -26.38
C MET A 547 -1.62 -18.46 -26.83
N MET A 548 -0.56 -18.51 -26.03
CA MET A 548 0.63 -19.31 -26.30
C MET A 548 0.35 -20.82 -26.47
N ASN A 549 -0.29 -21.43 -25.49
CA ASN A 549 -0.57 -22.87 -25.53
C ASN A 549 -1.39 -23.29 -26.76
N ASP A 550 -2.48 -22.56 -27.03
CA ASP A 550 -3.37 -22.84 -28.15
C ASP A 550 -2.60 -22.82 -29.47
N SER A 551 -1.89 -21.72 -29.69
CA SER A 551 -1.09 -21.55 -30.89
C SER A 551 -0.09 -22.70 -30.99
N ILE A 552 0.55 -23.01 -29.88
CA ILE A 552 1.45 -24.16 -29.83
C ILE A 552 0.66 -25.41 -30.20
N LEU A 553 -0.47 -25.64 -29.53
CA LEU A 553 -1.32 -26.80 -29.83
C LEU A 553 -1.72 -26.86 -31.31
N ARG A 554 -2.06 -25.70 -31.87
CA ARG A 554 -2.47 -25.62 -33.27
C ARG A 554 -1.32 -25.88 -34.24
N LEU A 555 -0.12 -25.45 -33.86
CA LEU A 555 1.06 -25.68 -34.70
C LEU A 555 1.39 -27.16 -34.83
N GLN A 556 1.17 -27.92 -33.76
CA GLN A 556 1.48 -29.35 -33.78
C GLN A 556 0.52 -30.07 -34.74
N THR A 557 -0.62 -29.44 -35.02
CA THR A 557 -1.61 -30.01 -35.93
C THR A 557 -1.12 -30.06 -37.38
N TRP A 558 -0.44 -29.00 -37.81
CA TRP A 558 0.02 -28.90 -39.21
C TRP A 558 0.97 -30.04 -39.55
N ASP A 559 0.97 -30.47 -40.81
CA ASP A 559 1.97 -31.44 -41.25
C ASP A 559 3.30 -30.71 -41.34
N GLU A 560 4.39 -31.46 -41.34
CA GLU A 560 5.70 -30.82 -41.34
C GLU A 560 5.98 -30.15 -42.68
N ALA A 561 5.47 -30.75 -43.74
CA ALA A 561 5.62 -30.21 -45.08
C ALA A 561 4.95 -28.84 -45.24
N VAL A 562 3.73 -28.67 -44.72
CA VAL A 562 3.12 -27.34 -44.79
C VAL A 562 3.83 -26.39 -43.83
N PHE A 563 4.23 -26.91 -42.68
CA PHE A 563 4.88 -26.11 -41.65
C PHE A 563 6.21 -25.57 -42.16
N ARG A 564 7.06 -26.49 -42.64
CA ARG A 564 8.35 -26.14 -43.25
C ARG A 564 8.22 -24.99 -44.24
N GLU A 565 7.18 -25.05 -45.08
CA GLU A 565 6.88 -23.97 -46.03
C GLU A 565 6.76 -22.63 -45.32
N LYS A 566 5.94 -22.57 -44.27
CA LYS A 566 5.72 -21.31 -43.56
C LYS A 566 7.00 -20.77 -42.93
N ILE A 567 7.85 -21.65 -42.43
CA ILE A 567 9.08 -21.22 -41.78
C ILE A 567 10.06 -20.64 -42.81
N LEU A 568 10.26 -21.34 -43.92
CA LEU A 568 11.16 -20.90 -44.99
C LEU A 568 10.89 -19.45 -45.43
N HIS A 569 9.62 -19.15 -45.68
CA HIS A 569 9.21 -17.84 -46.19
C HIS A 569 9.76 -16.72 -45.30
N ILE A 570 9.60 -16.87 -43.99
CA ILE A 570 10.08 -15.89 -43.02
C ILE A 570 11.60 -15.72 -43.04
N GLN A 571 12.34 -16.84 -43.10
CA GLN A 571 13.81 -16.76 -43.12
C GLN A 571 14.26 -16.03 -44.40
N THR A 572 13.63 -16.38 -45.51
CA THR A 572 13.88 -15.71 -46.78
C THR A 572 13.65 -14.20 -46.68
N HIS A 573 12.48 -13.79 -46.20
CA HIS A 573 12.19 -12.36 -45.99
C HIS A 573 13.18 -11.74 -45.02
N GLU A 574 13.48 -12.43 -43.93
CA GLU A 574 14.37 -11.87 -42.91
C GLU A 574 15.82 -11.80 -43.38
N LYS A 575 16.18 -12.63 -44.35
CA LYS A 575 17.55 -12.61 -44.85
C LYS A 575 17.77 -11.37 -45.72
N PHE A 576 16.76 -10.99 -46.52
CA PHE A 576 16.90 -9.85 -47.42
C PHE A 576 17.00 -8.55 -46.63
N ILE A 577 16.12 -8.32 -45.66
CA ILE A 577 16.26 -7.10 -44.85
C ILE A 577 17.64 -7.09 -44.18
N ARG A 578 18.09 -8.25 -43.72
CA ARG A 578 19.46 -8.39 -43.21
C ARG A 578 20.48 -8.02 -44.30
N ASP A 579 20.23 -8.45 -45.55
CA ASP A 579 21.10 -8.06 -46.66
C ASP A 579 21.06 -6.55 -46.88
N LYS B 29 -2.03 36.57 33.46
CA LYS B 29 -2.71 37.76 33.00
C LYS B 29 -3.41 37.48 31.68
N PRO B 30 -4.65 37.97 31.52
CA PRO B 30 -5.45 37.70 30.31
C PRO B 30 -4.83 38.22 29.02
N ARG B 31 -4.76 37.36 28.01
CA ARG B 31 -4.42 37.74 26.64
C ARG B 31 -5.46 38.73 26.10
N ASN B 32 -5.02 39.67 25.26
CA ASN B 32 -5.94 40.64 24.67
C ASN B 32 -7.04 39.94 23.85
N TYR B 33 -6.68 38.87 23.15
CA TYR B 33 -7.65 38.14 22.34
C TYR B 33 -8.62 37.40 23.25
N GLN B 34 -8.07 36.83 24.32
CA GLN B 34 -8.89 36.21 25.35
C GLN B 34 -9.86 37.26 25.91
N LEU B 35 -9.39 38.50 25.99
CA LEU B 35 -10.23 39.63 26.40
C LEU B 35 -11.26 39.99 25.32
N GLU B 36 -10.85 39.90 24.05
CA GLU B 36 -11.72 40.29 22.93
C GLU B 36 -12.98 39.44 22.85
N LEU B 37 -12.82 38.15 23.11
CA LEU B 37 -13.90 37.19 23.02
C LEU B 37 -14.93 37.37 24.13
N ALA B 38 -14.44 37.79 25.29
CA ALA B 38 -15.28 37.90 26.46
C ALA B 38 -16.31 39.03 26.36
N LEU B 39 -15.90 40.15 25.76
CA LEU B 39 -16.69 41.38 25.74
C LEU B 39 -18.15 41.24 25.30
N PRO B 40 -18.43 40.48 24.23
CA PRO B 40 -19.86 40.29 23.95
C PRO B 40 -20.59 39.63 25.11
N ALA B 41 -20.01 38.56 25.66
CA ALA B 41 -20.62 37.88 26.79
C ALA B 41 -20.70 38.78 28.02
N MET B 42 -19.70 39.65 28.20
CA MET B 42 -19.71 40.59 29.31
C MET B 42 -20.92 41.53 29.27
N LYS B 43 -21.35 41.94 28.08
CA LYS B 43 -22.57 42.73 27.91
C LYS B 43 -23.81 41.93 28.29
N GLY B 44 -23.64 40.62 28.43
CA GLY B 44 -24.71 39.76 28.89
C GLY B 44 -25.53 39.07 27.81
N LYS B 45 -25.09 39.15 26.56
CA LYS B 45 -25.77 38.45 25.49
C LYS B 45 -25.28 37.01 25.42
N ASN B 46 -26.20 36.10 25.07
CA ASN B 46 -25.85 34.72 24.77
C ASN B 46 -24.78 34.67 23.69
N THR B 47 -23.73 33.90 23.90
CA THR B 47 -22.60 33.92 22.98
C THR B 47 -22.07 32.52 22.65
N ILE B 48 -21.83 32.25 21.37
CA ILE B 48 -21.03 31.07 20.98
C ILE B 48 -19.57 31.49 20.78
N ILE B 49 -18.65 30.87 21.52
CA ILE B 49 -17.24 31.19 21.37
C ILE B 49 -16.56 30.14 20.48
N CYS B 50 -16.04 30.60 19.35
CA CYS B 50 -15.35 29.71 18.42
C CYS B 50 -13.89 30.08 18.37
N ALA B 51 -13.04 29.12 18.71
CA ALA B 51 -11.62 29.36 18.86
C ALA B 51 -10.86 28.04 18.95
N PRO B 52 -9.58 28.00 18.52
CA PRO B 52 -8.79 26.77 18.55
C PRO B 52 -8.69 26.16 19.94
N THR B 53 -8.79 24.85 20.05
CA THR B 53 -8.59 24.21 21.34
C THR B 53 -7.14 24.47 21.74
N GLY B 54 -6.90 24.64 23.04
CA GLY B 54 -5.60 25.01 23.54
C GLY B 54 -5.37 26.51 23.64
N CYS B 55 -6.40 27.30 23.37
CA CYS B 55 -6.25 28.77 23.39
C CYS B 55 -6.95 29.42 24.59
N GLY B 56 -7.25 28.64 25.61
CA GLY B 56 -7.86 29.16 26.82
C GLY B 56 -9.28 29.66 26.62
N LYS B 57 -10.03 28.94 25.80
CA LYS B 57 -11.47 29.18 25.65
C LYS B 57 -12.14 29.12 27.04
N THR B 58 -11.77 28.13 27.83
CA THR B 58 -12.30 27.94 29.19
C THR B 58 -11.86 29.12 30.08
N PHE B 59 -10.57 29.45 30.00
CA PHE B 59 -10.02 30.65 30.64
C PHE B 59 -10.96 31.82 30.46
N VAL B 60 -11.33 32.10 29.21
CA VAL B 60 -12.27 33.17 28.89
C VAL B 60 -13.54 33.01 29.73
N SER B 61 -14.14 31.82 29.70
CA SER B 61 -15.39 31.55 30.43
C SER B 61 -15.27 31.91 31.92
N LEU B 62 -14.13 31.60 32.53
CA LEU B 62 -13.82 32.04 33.89
C LEU B 62 -13.87 33.57 33.97
N LEU B 63 -13.22 34.23 33.02
CA LEU B 63 -13.20 35.69 32.98
C LEU B 63 -14.62 36.25 32.85
N ILE B 64 -15.43 35.65 31.98
CA ILE B 64 -16.85 35.98 31.93
C ILE B 64 -17.49 35.80 33.30
N CYS B 65 -17.18 34.67 33.94
CA CYS B 65 -17.84 34.26 35.16
C CYS B 65 -17.56 35.22 36.31
N GLU B 66 -16.30 35.63 36.47
CA GLU B 66 -15.92 36.53 37.56
C GLU B 66 -16.58 37.91 37.40
N HIS B 67 -16.50 38.47 36.19
CA HIS B 67 -17.06 39.79 35.88
C HIS B 67 -18.57 39.73 36.04
N HIS B 68 -19.12 38.56 35.71
CA HIS B 68 -20.55 38.33 35.77
C HIS B 68 -21.02 38.35 37.20
N LEU B 69 -20.24 37.75 38.08
CA LEU B 69 -20.57 37.72 39.50
C LEU B 69 -20.47 39.11 40.15
N LYS B 70 -19.74 40.02 39.49
CA LYS B 70 -19.47 41.35 40.03
C LYS B 70 -20.72 42.18 40.29
N LYS B 71 -21.72 42.02 39.44
CA LYS B 71 -22.97 42.76 39.58
C LYS B 71 -23.82 42.24 40.73
N PHE B 72 -23.76 42.91 41.89
CA PHE B 72 -24.62 42.56 43.03
C PHE B 72 -25.91 43.38 43.24
N PRO B 73 -26.20 44.40 42.39
CA PRO B 73 -27.47 45.08 42.68
C PRO B 73 -28.72 44.29 42.25
N LYS B 77 -27.48 38.12 44.53
CA LYS B 77 -27.02 36.74 44.45
C LYS B 77 -26.92 36.30 43.00
N GLY B 78 -25.84 35.59 42.68
CA GLY B 78 -25.57 35.16 41.33
C GLY B 78 -25.12 33.71 41.34
N LYS B 79 -25.67 32.90 40.44
CA LYS B 79 -25.34 31.49 40.43
C LYS B 79 -24.90 31.05 39.04
N VAL B 80 -23.74 30.42 38.98
CA VAL B 80 -23.15 30.04 37.70
C VAL B 80 -22.97 28.53 37.59
N VAL B 81 -23.48 27.95 36.49
CA VAL B 81 -23.25 26.53 36.25
C VAL B 81 -22.30 26.37 35.04
N PHE B 82 -21.34 25.46 35.19
CA PHE B 82 -20.43 25.12 34.11
C PHE B 82 -20.68 23.67 33.70
N PHE B 83 -20.95 23.45 32.43
CA PHE B 83 -21.20 22.10 31.94
C PHE B 83 -19.97 21.53 31.26
N ALA B 84 -19.61 20.30 31.64
CA ALA B 84 -18.52 19.59 30.99
C ALA B 84 -19.09 18.52 30.09
N ASN B 85 -18.54 18.42 28.88
CA ASN B 85 -18.94 17.38 27.94
C ASN B 85 -18.36 16.04 28.34
N GLN B 86 -17.15 16.07 28.89
CA GLN B 86 -16.50 14.86 29.36
C GLN B 86 -15.84 15.05 30.73
N ILE B 87 -15.58 13.94 31.40
CA ILE B 87 -15.03 13.93 32.76
C ILE B 87 -13.63 14.58 32.92
N PRO B 88 -12.67 14.30 32.01
CA PRO B 88 -11.35 14.92 32.17
C PRO B 88 -11.38 16.45 32.18
N VAL B 89 -12.33 17.04 31.45
CA VAL B 89 -12.53 18.48 31.48
C VAL B 89 -13.17 18.87 32.80
N TYR B 90 -14.19 18.11 33.21
CA TYR B 90 -14.91 18.37 34.44
C TYR B 90 -14.01 18.49 35.66
N GLU B 91 -13.11 17.52 35.84
CA GLU B 91 -12.17 17.54 36.95
C GLU B 91 -11.25 18.75 36.90
N GLN B 92 -10.74 19.07 35.71
CA GLN B 92 -9.83 20.20 35.55
C GLN B 92 -10.51 21.51 35.91
N GLN B 93 -11.72 21.69 35.43
CA GLN B 93 -12.42 22.94 35.64
C GLN B 93 -12.91 23.08 37.07
N LYS B 94 -13.36 21.96 37.63
CA LYS B 94 -13.66 21.87 39.04
C LYS B 94 -12.46 22.31 39.87
N SER B 95 -11.29 21.83 39.48
CA SER B 95 -10.04 22.18 40.17
C SER B 95 -9.64 23.64 39.97
N VAL B 96 -9.70 24.10 38.74
CA VAL B 96 -9.25 25.46 38.42
C VAL B 96 -10.18 26.54 38.99
N PHE B 97 -11.48 26.35 38.83
CA PHE B 97 -12.47 27.32 39.31
C PHE B 97 -12.44 27.44 40.83
N SER B 98 -12.29 26.32 41.52
CA SER B 98 -12.15 26.33 42.97
C SER B 98 -10.95 27.15 43.38
N LYS B 99 -9.79 26.86 42.78
CA LYS B 99 -8.57 27.60 43.09
C LYS B 99 -8.70 29.11 42.90
N TYR B 100 -9.32 29.52 41.80
CA TYR B 100 -9.43 30.95 41.50
C TYR B 100 -10.47 31.64 42.37
N PHE B 101 -11.64 31.02 42.51
CA PHE B 101 -12.80 31.69 43.12
C PHE B 101 -12.93 31.51 44.63
N GLU B 102 -12.42 30.41 45.18
CA GLU B 102 -12.42 30.19 46.62
C GLU B 102 -11.59 31.27 47.32
N ARG B 103 -10.48 31.67 46.67
CA ARG B 103 -9.63 32.72 47.20
C ARG B 103 -10.44 33.99 47.47
N HIS B 104 -11.44 34.25 46.62
CA HIS B 104 -12.31 35.41 46.78
C HIS B 104 -13.53 35.08 47.63
N GLY B 105 -13.55 33.89 48.20
CA GLY B 105 -14.57 33.53 49.18
C GLY B 105 -15.89 33.08 48.61
N TYR B 106 -15.97 32.96 47.29
CA TYR B 106 -17.16 32.38 46.67
C TYR B 106 -17.29 30.94 47.08
N ARG B 107 -18.52 30.46 47.20
CA ARG B 107 -18.76 29.06 47.45
C ARG B 107 -18.69 28.31 46.11
N VAL B 108 -17.65 27.50 45.93
CA VAL B 108 -17.42 26.80 44.66
C VAL B 108 -17.36 25.29 44.82
N THR B 109 -18.26 24.59 44.13
CA THR B 109 -18.22 23.12 44.09
C THR B 109 -18.28 22.50 42.67
N GLY B 110 -17.85 21.25 42.55
CA GLY B 110 -18.11 20.46 41.36
C GLY B 110 -18.91 19.21 41.73
N ILE B 111 -19.99 18.93 41.00
CA ILE B 111 -20.74 17.70 41.23
C ILE B 111 -20.72 16.82 39.97
N SER B 112 -20.42 15.55 40.16
CA SER B 112 -20.38 14.57 39.08
C SER B 112 -21.32 13.39 39.30
N GLY B 113 -21.51 12.59 38.25
CA GLY B 113 -22.40 11.45 38.30
C GLY B 113 -22.04 10.45 39.38
N ASN B 118 -22.48 11.85 48.04
CA ASN B 118 -23.37 12.65 48.88
C ASN B 118 -24.55 13.07 48.02
N VAL B 119 -25.74 13.01 48.63
CA VAL B 119 -27.00 12.82 47.89
C VAL B 119 -27.67 14.06 47.25
N PRO B 120 -27.74 15.19 47.99
CA PRO B 120 -28.74 16.20 47.66
C PRO B 120 -28.33 17.28 46.64
N VAL B 121 -28.82 17.21 45.41
CA VAL B 121 -28.31 18.09 44.35
C VAL B 121 -28.76 19.55 44.48
N GLU B 122 -30.06 19.77 44.64
CA GLU B 122 -30.62 21.13 44.70
C GLU B 122 -30.04 21.96 45.85
N GLN B 123 -29.81 21.30 46.99
CA GLN B 123 -29.20 21.95 48.15
C GLN B 123 -27.77 22.41 47.87
N ILE B 124 -27.00 21.55 47.20
CA ILE B 124 -25.61 21.85 46.84
C ILE B 124 -25.53 23.08 45.94
N VAL B 125 -26.46 23.12 44.98
CA VAL B 125 -26.64 24.26 44.09
C VAL B 125 -26.83 25.54 44.88
N GLU B 126 -27.67 25.48 45.91
CA GLU B 126 -27.91 26.60 46.84
C GLU B 126 -26.69 26.94 47.69
N ASN B 127 -26.07 25.89 48.22
CA ASN B 127 -24.89 26.07 49.06
C ASN B 127 -23.72 26.73 48.32
N ASN B 128 -23.65 26.52 47.01
CA ASN B 128 -22.49 26.97 46.25
C ASN B 128 -22.86 27.90 45.10
N ASP B 129 -22.04 28.93 44.96
CA ASP B 129 -22.26 29.95 43.96
C ASP B 129 -21.97 29.41 42.58
N ILE B 130 -20.94 28.57 42.47
CA ILE B 130 -20.50 28.12 41.16
C ILE B 130 -20.43 26.59 41.08
N ILE B 131 -21.09 26.03 40.08
CA ILE B 131 -21.21 24.58 39.95
C ILE B 131 -20.64 24.07 38.63
N ILE B 132 -19.64 23.19 38.73
CA ILE B 132 -19.10 22.52 37.56
C ILE B 132 -19.87 21.23 37.41
N LEU B 133 -20.57 21.05 36.29
CA LEU B 133 -21.52 19.96 36.17
C LEU B 133 -21.39 19.12 34.91
N THR B 134 -21.91 17.90 35.00
CA THR B 134 -22.12 17.03 33.85
C THR B 134 -23.61 17.08 33.54
N PRO B 135 -23.95 17.25 32.26
CA PRO B 135 -25.32 17.53 31.82
C PRO B 135 -26.37 16.51 32.27
N GLN B 136 -26.04 15.21 32.27
CA GLN B 136 -27.04 14.19 32.58
C GLN B 136 -27.64 14.34 33.99
N ILE B 137 -26.81 14.71 34.96
CA ILE B 137 -27.25 14.94 36.33
C ILE B 137 -28.35 15.98 36.41
N LEU B 138 -28.09 17.12 35.78
CA LEU B 138 -29.05 18.22 35.78
C LEU B 138 -30.33 17.84 35.05
N VAL B 139 -30.19 17.16 33.91
CA VAL B 139 -31.36 16.75 33.12
C VAL B 139 -32.36 15.95 33.97
N ASN B 140 -31.87 14.89 34.61
CA ASN B 140 -32.71 14.06 35.47
C ASN B 140 -33.54 14.84 36.48
N ASN B 141 -32.89 15.80 37.14
CA ASN B 141 -33.51 16.57 38.22
C ASN B 141 -34.64 17.48 37.74
N LEU B 142 -34.46 18.04 36.56
CA LEU B 142 -35.54 18.77 35.89
C LEU B 142 -36.71 17.83 35.64
N LYS B 143 -36.42 16.64 35.12
CA LYS B 143 -37.43 15.61 34.93
C LYS B 143 -38.02 15.20 36.28
N LYS B 144 -37.13 15.01 37.26
CA LYS B 144 -37.53 14.78 38.64
C LYS B 144 -38.36 15.94 39.15
N GLY B 145 -38.04 17.14 38.67
CA GLY B 145 -38.70 18.34 39.11
C GLY B 145 -38.13 18.90 40.40
N THR B 146 -37.07 18.28 40.92
CA THR B 146 -36.38 18.77 42.12
C THR B 146 -35.90 20.18 41.88
N ILE B 147 -35.47 20.45 40.65
CA ILE B 147 -35.17 21.80 40.21
C ILE B 147 -36.26 22.22 39.24
N PRO B 148 -37.14 23.14 39.68
CA PRO B 148 -38.27 23.54 38.85
C PRO B 148 -37.81 24.30 37.60
N SER B 149 -36.82 25.17 37.74
CA SER B 149 -36.44 26.07 36.66
C SER B 149 -34.94 26.33 36.52
N LEU B 150 -34.52 26.71 35.31
CA LEU B 150 -33.14 27.15 35.09
C LEU B 150 -32.96 28.56 35.63
N SER B 151 -34.08 29.18 36.03
CA SER B 151 -34.08 30.49 36.69
C SER B 151 -33.17 30.47 37.91
N ILE B 152 -32.93 29.28 38.42
CA ILE B 152 -31.99 29.04 39.50
C ILE B 152 -30.60 29.57 39.13
N PHE B 153 -30.18 29.36 37.89
CA PHE B 153 -28.87 29.82 37.46
C PHE B 153 -28.95 31.23 36.85
N THR B 154 -27.91 32.03 37.08
CA THR B 154 -27.79 33.36 36.46
C THR B 154 -27.00 33.18 35.17
N LEU B 155 -26.07 32.23 35.20
CA LEU B 155 -25.22 31.94 34.07
C LEU B 155 -25.03 30.44 33.79
N MET B 156 -25.15 30.06 32.52
CA MET B 156 -24.85 28.69 32.10
C MET B 156 -23.72 28.67 31.06
N ILE B 157 -22.79 27.74 31.21
CA ILE B 157 -21.71 27.60 30.24
C ILE B 157 -21.60 26.16 29.74
N PHE B 158 -21.60 25.98 28.43
CA PHE B 158 -21.49 24.66 27.82
C PHE B 158 -20.15 24.48 27.13
N ASP B 159 -19.30 23.60 27.66
CA ASP B 159 -18.13 23.18 26.94
C ASP B 159 -18.58 22.36 25.74
N GLU B 160 -17.88 22.52 24.61
CA GLU B 160 -18.22 21.83 23.35
C GLU B 160 -19.70 21.95 22.98
N CYS B 161 -20.20 23.18 22.89
CA CYS B 161 -21.62 23.44 22.67
C CYS B 161 -22.17 22.93 21.33
N HIS B 162 -21.29 22.52 20.43
CA HIS B 162 -21.75 21.94 19.17
C HIS B 162 -22.45 20.61 19.44
N ASN B 163 -22.20 20.04 20.62
CA ASN B 163 -22.84 18.80 21.03
C ASN B 163 -24.32 18.99 21.36
N THR B 164 -24.76 20.23 21.56
CA THR B 164 -26.19 20.48 21.82
C THR B 164 -27.05 20.20 20.60
N SER B 165 -27.44 18.94 20.41
CA SER B 165 -28.34 18.58 19.31
C SER B 165 -28.83 17.14 19.41
N LYS B 166 -29.96 16.85 18.78
CA LYS B 166 -30.49 15.49 18.68
C LYS B 166 -30.45 14.69 19.99
N GLN B 167 -31.24 15.13 20.97
CA GLN B 167 -31.41 14.44 22.25
C GLN B 167 -30.13 14.31 23.12
N HIS B 168 -29.04 14.99 22.75
CA HIS B 168 -27.88 15.13 23.65
C HIS B 168 -28.34 15.89 24.91
N PRO B 169 -27.82 15.52 26.10
CA PRO B 169 -28.23 16.11 27.37
C PRO B 169 -28.20 17.64 27.36
N TYR B 170 -27.21 18.20 26.67
CA TYR B 170 -27.14 19.64 26.44
C TYR B 170 -28.43 20.16 25.80
N ASN B 171 -28.91 19.47 24.76
CA ASN B 171 -30.15 19.84 24.10
C ASN B 171 -31.36 19.67 25.03
N MET B 172 -31.38 18.57 25.78
CA MET B 172 -32.44 18.31 26.76
C MET B 172 -32.62 19.47 27.75
N ILE B 173 -31.50 19.88 28.36
CA ILE B 173 -31.46 21.06 29.20
C ILE B 173 -31.99 22.25 28.42
N MET B 174 -31.48 22.39 27.20
CA MET B 174 -31.83 23.53 26.36
C MET B 174 -33.30 23.49 25.93
N PHE B 175 -33.84 22.29 25.77
CA PHE B 175 -35.27 22.12 25.54
C PHE B 175 -36.08 22.77 26.67
N ASN B 176 -35.67 22.49 27.90
CA ASN B 176 -36.33 23.04 29.09
C ASN B 176 -36.33 24.57 29.08
N TYR B 177 -35.14 25.15 28.93
CA TYR B 177 -34.97 26.60 28.87
C TYR B 177 -35.91 27.22 27.83
N LEU B 178 -35.95 26.63 26.64
CA LEU B 178 -36.77 27.13 25.53
C LEU B 178 -38.27 26.98 25.81
N ASP B 179 -38.66 25.83 26.34
CA ASP B 179 -40.03 25.60 26.78
C ASP B 179 -40.50 26.69 27.72
N GLN B 180 -39.64 27.08 28.65
CA GLN B 180 -39.97 28.12 29.62
C GLN B 180 -39.95 29.50 28.97
N LYS B 181 -38.94 29.74 28.13
CA LYS B 181 -38.81 31.00 27.43
C LYS B 181 -40.04 31.31 26.58
N LEU B 182 -40.59 30.29 25.94
CA LEU B 182 -41.78 30.45 25.12
C LEU B 182 -43.02 30.17 25.96
N GLY B 183 -43.78 31.21 26.28
CA GLY B 183 -44.94 31.09 27.12
C GLY B 183 -44.90 32.03 28.31
N SER B 186 -41.96 32.56 30.66
CA SER B 186 -42.48 33.53 31.62
C SER B 186 -41.46 33.80 32.73
N GLY B 187 -40.69 32.77 33.07
CA GLY B 187 -39.75 32.88 34.18
C GLY B 187 -38.47 33.63 33.82
N PRO B 188 -37.70 34.05 34.84
CA PRO B 188 -36.36 34.61 34.66
C PRO B 188 -35.43 33.56 34.08
N LEU B 189 -34.51 33.95 33.19
CA LEU B 189 -33.68 32.95 32.52
C LEU B 189 -32.20 33.31 32.48
N PRO B 190 -31.35 32.30 32.61
CA PRO B 190 -29.92 32.55 32.67
C PRO B 190 -29.35 32.95 31.32
N GLN B 191 -28.25 33.72 31.34
CA GLN B 191 -27.47 33.98 30.16
C GLN B 191 -26.89 32.62 29.77
N VAL B 192 -26.75 32.36 28.47
CA VAL B 192 -26.27 31.05 28.02
C VAL B 192 -25.06 31.19 27.09
N ILE B 193 -23.96 30.55 27.49
CA ILE B 193 -22.72 30.64 26.71
C ILE B 193 -22.18 29.27 26.28
N GLY B 194 -21.75 29.17 25.02
CA GLY B 194 -21.14 27.96 24.52
C GLY B 194 -19.70 28.16 24.07
N LEU B 195 -18.86 27.17 24.34
CA LEU B 195 -17.49 27.19 23.84
C LEU B 195 -17.31 26.07 22.82
N THR B 196 -16.77 26.38 21.64
CA THR B 196 -16.53 25.35 20.64
C THR B 196 -15.32 25.70 19.77
N ALA B 197 -14.61 24.68 19.29
CA ALA B 197 -13.46 24.89 18.39
C ALA B 197 -13.97 25.06 16.97
N SER B 198 -15.12 24.44 16.72
CA SER B 198 -15.73 24.42 15.40
C SER B 198 -17.24 24.35 15.56
N VAL B 199 -17.95 25.27 14.93
CA VAL B 199 -19.39 25.26 15.02
C VAL B 199 -19.96 24.12 14.17
N GLY B 200 -19.18 23.68 13.18
CA GLY B 200 -19.60 22.60 12.31
C GLY B 200 -20.47 23.10 11.17
N VAL B 201 -20.52 22.33 10.09
CA VAL B 201 -21.16 22.78 8.86
C VAL B 201 -22.27 21.79 8.46
N GLY B 202 -22.41 20.74 9.26
CA GLY B 202 -23.39 19.70 8.99
C GLY B 202 -23.23 19.02 7.65
N ASP B 203 -24.29 19.02 6.86
CA ASP B 203 -24.31 18.35 5.57
C ASP B 203 -24.39 19.34 4.40
N ALA B 204 -24.05 20.59 4.67
CA ALA B 204 -24.09 21.67 3.68
C ALA B 204 -23.35 21.36 2.38
N LYS B 205 -24.08 21.31 1.26
CA LYS B 205 -23.43 21.25 -0.04
C LYS B 205 -22.78 22.58 -0.34
N ASN B 206 -23.50 23.66 -0.05
CA ASN B 206 -23.05 25.00 -0.40
C ASN B 206 -22.94 25.95 0.80
N THR B 207 -22.29 27.10 0.60
CA THR B 207 -22.04 28.07 1.65
C THR B 207 -23.34 28.57 2.30
N ASP B 208 -24.44 28.62 1.54
CA ASP B 208 -25.72 29.06 2.09
C ASP B 208 -26.27 28.05 3.11
N GLU B 209 -26.30 26.78 2.72
CA GLU B 209 -26.72 25.70 3.61
C GLU B 209 -25.89 25.67 4.89
N ALA B 210 -24.62 26.02 4.75
CA ALA B 210 -23.70 26.13 5.87
C ALA B 210 -24.23 27.10 6.90
N LEU B 211 -24.43 28.32 6.44
CA LEU B 211 -24.95 29.41 7.26
C LEU B 211 -26.26 29.05 7.96
N ASP B 212 -27.23 28.55 7.21
CA ASP B 212 -28.51 28.14 7.78
C ASP B 212 -28.33 27.09 8.87
N TYR B 213 -27.53 26.06 8.58
CA TYR B 213 -27.21 25.03 9.56
C TYR B 213 -26.60 25.62 10.85
N ILE B 214 -25.64 26.52 10.69
CA ILE B 214 -25.00 27.20 11.82
C ILE B 214 -26.03 27.97 12.66
N CYS B 215 -26.96 28.65 12.00
CA CYS B 215 -28.05 29.36 12.66
C CYS B 215 -28.93 28.45 13.52
N LYS B 216 -29.23 27.27 12.98
CA LYS B 216 -30.04 26.28 13.68
C LYS B 216 -29.37 25.92 15.01
N LEU B 217 -28.05 25.84 15.00
CA LEU B 217 -27.30 25.61 16.23
C LEU B 217 -27.42 26.83 17.17
N CYS B 218 -27.45 28.03 16.59
CA CYS B 218 -27.63 29.24 17.38
C CYS B 218 -29.00 29.25 18.05
N ALA B 219 -30.02 28.87 17.30
CA ALA B 219 -31.36 28.75 17.85
C ALA B 219 -31.35 27.75 19.00
N SER B 220 -30.68 26.63 18.78
CA SER B 220 -30.53 25.62 19.81
C SER B 220 -30.08 26.20 21.14
N LEU B 221 -29.06 27.06 21.12
CA LEU B 221 -28.52 27.66 22.33
C LEU B 221 -29.09 29.05 22.60
N ASP B 222 -30.07 29.46 21.80
CA ASP B 222 -30.65 30.80 21.88
C ASP B 222 -29.57 31.87 21.92
N ALA B 223 -28.60 31.80 21.02
CA ALA B 223 -27.52 32.78 21.02
C ALA B 223 -27.75 33.86 19.98
N SER B 224 -27.43 35.10 20.36
CA SER B 224 -27.59 36.25 19.49
C SER B 224 -26.23 36.71 19.00
N VAL B 225 -25.17 35.96 19.31
CA VAL B 225 -23.82 36.31 18.87
C VAL B 225 -22.90 35.10 18.62
N ILE B 226 -22.13 35.16 17.54
CA ILE B 226 -20.95 34.30 17.34
C ILE B 226 -19.73 35.18 17.52
N ALA B 227 -18.77 34.76 18.33
CA ALA B 227 -17.57 35.57 18.55
C ALA B 227 -16.29 34.86 18.15
N THR B 228 -15.54 35.46 17.22
CA THR B 228 -14.22 34.97 16.83
C THR B 228 -13.18 36.09 16.97
N VAL B 229 -12.04 35.77 17.57
CA VAL B 229 -10.96 36.74 17.70
C VAL B 229 -10.43 37.19 16.34
N LYS B 230 -10.19 38.50 16.19
CA LYS B 230 -9.74 39.05 14.92
C LYS B 230 -8.52 39.96 15.03
N HIS B 231 -8.53 40.88 15.98
CA HIS B 231 -7.54 41.95 15.99
C HIS B 231 -6.35 41.64 16.88
N ASN B 232 -6.42 40.53 17.60
CA ASN B 232 -5.25 40.05 18.34
C ASN B 232 -4.78 38.73 17.75
N LEU B 233 -5.01 38.59 16.45
CA LEU B 233 -4.74 37.35 15.73
C LEU B 233 -3.29 36.88 15.88
N GLU B 234 -2.34 37.76 15.58
CA GLU B 234 -0.91 37.47 15.71
C GLU B 234 -0.57 36.81 17.06
N GLU B 235 -1.13 37.37 18.13
CA GLU B 235 -0.92 36.84 19.47
C GLU B 235 -1.49 35.43 19.60
N LEU B 236 -2.71 35.21 19.09
CA LEU B 236 -3.26 33.87 19.03
C LEU B 236 -2.31 32.95 18.26
N GLU B 237 -1.94 33.38 17.05
CA GLU B 237 -1.00 32.63 16.21
C GLU B 237 0.20 32.15 17.02
N GLN B 238 0.66 32.96 17.97
CA GLN B 238 1.79 32.58 18.81
C GLN B 238 1.44 31.44 19.78
N VAL B 239 0.29 31.55 20.45
CA VAL B 239 -0.15 30.50 21.36
C VAL B 239 -0.58 29.26 20.59
N VAL B 240 -1.44 29.46 19.59
CA VAL B 240 -1.83 28.39 18.67
C VAL B 240 -1.47 28.76 17.23
N TYR B 241 -0.47 28.07 16.69
CA TYR B 241 0.00 28.37 15.34
C TYR B 241 -0.39 27.31 14.32
N LYS B 242 -1.18 27.74 13.33
CA LYS B 242 -1.48 26.91 12.18
C LYS B 242 -0.96 27.55 10.90
N PRO B 243 -0.03 26.87 10.22
CA PRO B 243 0.44 27.39 8.93
C PRO B 243 -0.67 27.27 7.91
N GLN B 244 -0.65 28.11 6.88
CA GLN B 244 -1.52 27.89 5.74
C GLN B 244 -1.05 26.58 5.12
N LYS B 245 -2.00 25.69 4.81
CA LYS B 245 -1.65 24.44 4.19
C LYS B 245 -2.15 24.40 2.75
N PHE B 246 -1.25 24.11 1.83
CA PHE B 246 -1.61 24.01 0.42
C PHE B 246 -1.34 22.60 -0.05
N PHE B 247 -2.30 22.04 -0.78
CA PHE B 247 -2.15 20.72 -1.34
C PHE B 247 -2.07 20.81 -2.86
N ARG B 248 -0.96 20.33 -3.41
CA ARG B 248 -0.78 20.30 -4.85
C ARG B 248 -0.67 18.87 -5.34
N LYS B 249 -1.55 18.50 -6.26
CA LYS B 249 -1.43 17.23 -6.97
C LYS B 249 -0.18 17.27 -7.84
N VAL B 250 0.52 16.14 -7.94
CA VAL B 250 1.62 16.03 -8.90
C VAL B 250 1.41 14.79 -9.75
N GLU B 251 1.92 14.83 -10.98
CA GLU B 251 1.77 13.70 -11.89
C GLU B 251 3.12 13.16 -12.34
N SER B 252 3.15 11.87 -12.67
CA SER B 252 4.37 11.24 -13.17
C SER B 252 4.53 11.48 -14.67
N ARG B 253 5.74 11.23 -15.16
CA ARG B 253 6.02 11.40 -16.59
C ARG B 253 5.16 10.44 -17.43
N ILE B 254 4.67 10.89 -18.59
CA ILE B 254 3.90 10.07 -19.53
C ILE B 254 4.83 9.43 -20.57
N SER B 255 4.65 8.14 -20.82
CA SER B 255 5.51 7.39 -21.74
C SER B 255 6.98 7.55 -21.36
N ASP B 256 7.32 7.18 -20.13
CA ASP B 256 8.68 7.32 -19.62
C ASP B 256 9.62 6.36 -20.32
N LYS B 257 10.53 6.92 -21.13
CA LYS B 257 11.53 6.11 -21.84
C LYS B 257 12.59 5.55 -20.91
N PHE B 258 12.90 6.27 -19.83
CA PHE B 258 13.92 5.78 -18.90
C PHE B 258 13.40 4.56 -18.17
N LYS B 259 12.14 4.62 -17.72
CA LYS B 259 11.53 3.51 -17.01
C LYS B 259 11.48 2.29 -17.94
N TYR B 260 11.15 2.54 -19.20
CA TYR B 260 10.99 1.50 -20.19
C TYR B 260 12.26 0.66 -20.41
N ILE B 261 13.41 1.34 -20.46
CA ILE B 261 14.68 0.67 -20.67
C ILE B 261 15.16 -0.07 -19.40
N ILE B 262 15.03 0.58 -18.24
CA ILE B 262 15.44 -0.06 -16.98
C ILE B 262 14.57 -1.28 -16.68
N ALA B 263 13.27 -1.16 -16.88
CA ALA B 263 12.34 -2.27 -16.69
C ALA B 263 12.77 -3.54 -17.44
N GLN B 264 13.18 -3.40 -18.69
CA GLN B 264 13.59 -4.55 -19.48
C GLN B 264 14.86 -5.17 -18.93
N LEU B 265 15.81 -4.32 -18.54
CA LEU B 265 17.01 -4.79 -17.85
C LEU B 265 16.62 -5.57 -16.60
N MET B 266 15.59 -5.10 -15.92
CA MET B 266 15.10 -5.78 -14.71
C MET B 266 14.39 -7.07 -15.08
N ARG B 267 13.60 -7.03 -16.15
CA ARG B 267 12.95 -8.24 -16.68
C ARG B 267 13.97 -9.30 -17.10
N ASP B 268 14.98 -8.87 -17.84
CA ASP B 268 16.08 -9.76 -18.23
C ASP B 268 16.73 -10.41 -17.01
N THR B 269 17.00 -9.60 -16.00
CA THR B 269 17.66 -10.10 -14.78
C THR B 269 16.71 -11.05 -14.03
N GLU B 270 15.43 -10.72 -13.98
CA GLU B 270 14.42 -11.58 -13.36
C GLU B 270 14.31 -12.93 -14.08
N SER B 271 14.53 -12.92 -15.39
CA SER B 271 14.50 -14.15 -16.19
C SER B 271 15.62 -15.10 -15.82
N LEU B 272 16.84 -14.57 -15.74
CA LEU B 272 18.01 -15.34 -15.38
C LEU B 272 17.87 -16.01 -14.02
N ALA B 273 17.39 -15.26 -13.03
CA ALA B 273 17.20 -15.78 -11.68
C ALA B 273 16.12 -16.87 -11.65
N LYS B 274 15.01 -16.60 -12.32
CA LYS B 274 13.90 -17.56 -12.39
C LYS B 274 14.34 -18.86 -13.06
N ARG B 275 15.31 -18.76 -13.97
CA ARG B 275 15.76 -19.93 -14.73
C ARG B 275 16.53 -20.90 -13.83
N ILE B 276 17.28 -20.34 -12.87
CA ILE B 276 18.07 -21.15 -11.95
C ILE B 276 17.40 -21.31 -10.58
N CYS B 277 16.14 -20.90 -10.47
CA CYS B 277 15.37 -21.14 -9.26
C CYS B 277 13.90 -21.34 -9.60
N LYS B 278 13.43 -22.58 -9.49
CA LYS B 278 12.06 -22.94 -9.87
C LYS B 278 11.04 -22.41 -8.88
N ASP B 279 11.47 -22.28 -7.63
CA ASP B 279 10.61 -21.81 -6.55
C ASP B 279 10.19 -20.35 -6.72
N LEU B 280 11.03 -19.54 -7.36
CA LEU B 280 10.73 -18.12 -7.57
C LEU B 280 9.42 -17.96 -8.33
N GLU B 281 9.24 -18.77 -9.37
CA GLU B 281 7.99 -18.78 -10.13
C GLU B 281 6.82 -19.22 -9.25
N ASN B 282 7.09 -20.15 -8.33
CA ASN B 282 6.07 -20.71 -7.44
C ASN B 282 5.50 -19.69 -6.47
N LEU B 283 6.33 -18.77 -6.01
CA LEU B 283 5.95 -17.84 -4.97
C LEU B 283 4.70 -17.02 -5.31
N SER B 284 3.74 -17.03 -4.40
CA SER B 284 2.48 -16.32 -4.59
C SER B 284 2.22 -15.35 -3.44
N GLN B 285 2.03 -14.09 -3.78
CA GLN B 285 1.56 -13.10 -2.80
C GLN B 285 0.55 -12.18 -3.48
N ILE B 286 -0.38 -11.65 -2.68
CA ILE B 286 -1.47 -10.86 -3.22
C ILE B 286 -1.01 -9.50 -3.77
N GLN B 287 -0.16 -8.79 -3.02
CA GLN B 287 0.26 -7.46 -3.43
C GLN B 287 1.01 -7.48 -4.75
N ASN B 288 0.76 -6.47 -5.57
CA ASN B 288 1.42 -6.37 -6.86
C ASN B 288 2.77 -5.67 -6.70
N ARG B 289 3.79 -6.29 -7.26
CA ARG B 289 5.13 -5.73 -7.28
C ARG B 289 5.39 -5.09 -8.64
N GLU B 290 5.63 -3.78 -8.64
CA GLU B 290 5.92 -3.05 -9.87
C GLU B 290 7.32 -2.49 -9.80
N PHE B 291 7.93 -2.27 -10.95
CA PHE B 291 9.28 -1.76 -10.96
C PHE B 291 9.27 -0.30 -10.55
N GLY B 292 10.20 0.08 -9.69
CA GLY B 292 10.28 1.46 -9.23
C GLY B 292 9.34 1.81 -8.11
N THR B 293 8.87 0.80 -7.36
CA THR B 293 8.01 1.08 -6.21
C THR B 293 8.61 0.48 -4.92
N GLN B 294 8.06 0.89 -3.78
CA GLN B 294 8.49 0.39 -2.47
C GLN B 294 8.08 -1.05 -2.22
N LYS B 295 6.95 -1.45 -2.81
CA LYS B 295 6.48 -2.81 -2.69
C LYS B 295 7.47 -3.76 -3.35
N TYR B 296 8.00 -3.36 -4.51
CA TYR B 296 9.00 -4.17 -5.17
C TYR B 296 10.24 -4.28 -4.30
N GLU B 297 10.59 -3.20 -3.62
CA GLU B 297 11.71 -3.23 -2.67
C GLU B 297 11.49 -4.36 -1.65
N GLN B 298 10.34 -4.32 -0.97
CA GLN B 298 9.98 -5.37 -0.02
C GLN B 298 10.08 -6.74 -0.67
N TRP B 299 9.53 -6.86 -1.88
CA TRP B 299 9.56 -8.11 -2.63
C TRP B 299 10.99 -8.64 -2.79
N ILE B 300 11.92 -7.77 -3.17
CA ILE B 300 13.33 -8.16 -3.30
C ILE B 300 13.92 -8.67 -1.99
N VAL B 301 13.69 -7.92 -0.91
CA VAL B 301 14.20 -8.25 0.41
C VAL B 301 13.81 -9.66 0.86
N THR B 302 12.51 -9.95 0.80
CA THR B 302 12.01 -11.27 1.16
C THR B 302 12.70 -12.35 0.33
N VAL B 303 12.63 -12.18 -0.98
CA VAL B 303 13.28 -13.08 -1.93
C VAL B 303 14.77 -13.21 -1.64
N GLN B 304 15.45 -12.08 -1.48
CA GLN B 304 16.88 -12.07 -1.20
C GLN B 304 17.21 -12.88 0.05
N LYS B 305 16.40 -12.71 1.09
CA LYS B 305 16.58 -13.46 2.33
C LYS B 305 16.35 -14.96 2.10
N ALA B 306 15.32 -15.30 1.33
CA ALA B 306 14.98 -16.70 1.08
C ALA B 306 16.02 -17.40 0.19
N CYS B 307 16.57 -16.70 -0.77
CA CYS B 307 17.45 -17.31 -1.78
C CYS B 307 18.68 -17.95 -1.16
N MET B 308 19.31 -17.27 -0.21
CA MET B 308 20.45 -17.84 0.51
C MET B 308 20.04 -19.08 1.33
N VAL B 309 18.83 -19.10 1.90
CA VAL B 309 18.43 -20.24 2.74
C VAL B 309 17.99 -21.48 1.95
N PHE B 310 17.50 -21.26 0.73
CA PHE B 310 16.98 -22.33 -0.13
C PHE B 310 17.99 -23.45 -0.30
N GLN B 311 17.55 -24.70 -0.16
CA GLN B 311 18.49 -25.82 -0.16
C GLN B 311 18.12 -26.89 -1.18
N MET B 312 19.14 -27.52 -1.73
CA MET B 312 19.00 -28.50 -2.79
C MET B 312 20.00 -29.66 -2.56
N PRO B 313 19.73 -30.85 -3.15
CA PRO B 313 20.53 -32.06 -2.90
C PRO B 313 22.04 -31.92 -3.16
N ASP B 314 22.45 -31.38 -4.31
CA ASP B 314 23.85 -31.11 -4.60
C ASP B 314 24.26 -29.78 -3.96
N LYS B 315 25.22 -29.82 -3.03
CA LYS B 315 25.66 -28.60 -2.35
C LYS B 315 26.44 -27.69 -3.31
N ASP B 316 27.30 -28.29 -4.13
CA ASP B 316 28.21 -27.51 -4.96
C ASP B 316 27.43 -26.66 -5.96
N GLU B 317 26.38 -27.24 -6.53
CA GLU B 317 25.48 -26.53 -7.41
C GLU B 317 24.73 -25.44 -6.63
N GLU B 318 24.36 -25.77 -5.41
CA GLU B 318 23.60 -24.90 -4.53
C GLU B 318 24.29 -23.57 -4.19
N SER B 319 25.52 -23.68 -3.71
CA SER B 319 26.31 -22.51 -3.33
C SER B 319 26.45 -21.59 -4.54
N ARG B 320 26.77 -22.20 -5.68
CA ARG B 320 26.87 -21.51 -6.96
C ARG B 320 25.57 -20.76 -7.29
N ILE B 321 24.44 -21.45 -7.15
CA ILE B 321 23.13 -20.90 -7.48
C ILE B 321 22.78 -19.75 -6.52
N CYS B 322 23.06 -19.94 -5.23
CA CYS B 322 22.76 -18.93 -4.22
C CYS B 322 23.58 -17.64 -4.39
N LYS B 323 24.85 -17.78 -4.73
CA LYS B 323 25.69 -16.61 -5.00
C LYS B 323 25.16 -15.80 -6.18
N ALA B 324 24.75 -16.51 -7.24
CA ALA B 324 24.21 -15.86 -8.43
C ALA B 324 22.90 -15.17 -8.12
N LEU B 325 22.05 -15.85 -7.35
CA LEU B 325 20.74 -15.31 -6.97
C LEU B 325 20.90 -14.04 -6.13
N PHE B 326 21.80 -14.07 -5.15
CA PHE B 326 22.10 -12.87 -4.38
C PHE B 326 22.60 -11.75 -5.29
N LEU B 327 23.43 -12.11 -6.27
CA LEU B 327 24.00 -11.15 -7.20
C LEU B 327 22.93 -10.51 -8.07
N TYR B 328 21.99 -11.33 -8.55
CA TYR B 328 20.88 -10.86 -9.38
C TYR B 328 19.94 -9.93 -8.59
N THR B 329 19.56 -10.37 -7.39
CA THR B 329 18.66 -9.59 -6.54
C THR B 329 19.29 -8.28 -6.07
N SER B 330 20.61 -8.30 -5.85
CA SER B 330 21.33 -7.09 -5.46
C SER B 330 21.26 -6.06 -6.58
N HIS B 331 21.49 -6.51 -7.81
CA HIS B 331 21.43 -5.65 -8.98
C HIS B 331 20.01 -5.19 -9.26
N LEU B 332 19.04 -6.06 -9.00
CA LEU B 332 17.63 -5.72 -9.15
C LEU B 332 17.24 -4.62 -8.18
N ARG B 333 17.77 -4.67 -6.96
CA ARG B 333 17.44 -3.67 -5.95
C ARG B 333 18.00 -2.31 -6.34
N LYS B 334 19.14 -2.31 -7.01
CA LYS B 334 19.78 -1.07 -7.46
C LYS B 334 19.01 -0.42 -8.60
N TYR B 335 18.60 -1.23 -9.58
CA TYR B 335 17.74 -0.76 -10.65
C TYR B 335 16.45 -0.13 -10.10
N ASN B 336 15.84 -0.81 -9.12
CA ASN B 336 14.65 -0.29 -8.48
C ASN B 336 14.92 1.02 -7.74
N ASP B 337 16.06 1.08 -7.05
CA ASP B 337 16.46 2.30 -6.37
C ASP B 337 16.57 3.44 -7.37
N ALA B 338 17.18 3.14 -8.52
CA ALA B 338 17.35 4.14 -9.58
C ALA B 338 16.01 4.64 -10.09
N LEU B 339 15.04 3.73 -10.22
CA LEU B 339 13.72 4.08 -10.73
C LEU B 339 12.97 4.99 -9.76
N ILE B 340 13.13 4.75 -8.46
CA ILE B 340 12.50 5.60 -7.45
C ILE B 340 13.04 7.02 -7.56
N ILE B 341 14.35 7.13 -7.74
CA ILE B 341 15.01 8.41 -7.94
C ILE B 341 14.47 9.13 -9.19
N SER B 342 14.44 8.41 -10.31
CA SER B 342 13.94 8.96 -11.57
C SER B 342 12.48 9.44 -11.49
N GLU B 343 11.70 8.82 -10.60
CA GLU B 343 10.29 9.17 -10.42
C GLU B 343 10.14 10.53 -9.77
N HIS B 344 11.02 10.82 -8.80
CA HIS B 344 10.92 12.05 -8.03
C HIS B 344 11.98 13.08 -8.37
N ALA B 345 12.88 12.73 -9.29
CA ALA B 345 13.95 13.66 -9.67
C ALA B 345 14.27 13.56 -11.16
N ARG B 346 15.48 14.02 -11.52
CA ARG B 346 15.92 13.97 -12.89
C ARG B 346 16.39 12.56 -13.21
N MET B 347 16.19 12.13 -14.46
CA MET B 347 16.76 10.87 -14.92
C MET B 347 18.26 10.84 -14.64
N LYS B 348 18.89 12.00 -14.81
CA LYS B 348 20.33 12.14 -14.64
C LYS B 348 20.77 11.72 -13.25
N ASP B 349 19.96 12.07 -12.25
CA ASP B 349 20.21 11.67 -10.87
C ASP B 349 20.16 10.14 -10.75
N ALA B 350 19.17 9.52 -11.40
CA ALA B 350 19.07 8.08 -11.43
C ALA B 350 20.25 7.45 -12.16
N LEU B 351 20.63 8.07 -13.27
CA LEU B 351 21.72 7.54 -14.08
C LEU B 351 23.03 7.61 -13.31
N ASP B 352 23.33 8.79 -12.75
CA ASP B 352 24.54 8.94 -11.92
C ASP B 352 24.59 7.89 -10.82
N TYR B 353 23.45 7.68 -10.16
CA TYR B 353 23.33 6.66 -9.12
C TYR B 353 23.74 5.29 -9.66
N LEU B 354 23.20 4.90 -10.81
CA LEU B 354 23.57 3.63 -11.43
C LEU B 354 25.05 3.60 -11.82
N LYS B 355 25.52 4.66 -12.47
CA LYS B 355 26.92 4.76 -12.89
C LYS B 355 27.88 4.60 -11.71
N ASP B 356 27.51 5.18 -10.57
CA ASP B 356 28.34 5.12 -9.38
C ASP B 356 28.39 3.69 -8.84
N PHE B 357 27.23 3.04 -8.84
CA PHE B 357 27.12 1.67 -8.35
C PHE B 357 27.96 0.72 -9.18
N PHE B 358 27.97 0.93 -10.49
CA PHE B 358 28.74 0.09 -11.41
C PHE B 358 30.23 0.43 -11.38
N SER B 359 30.57 1.62 -10.89
CA SER B 359 31.97 1.98 -10.70
C SER B 359 32.50 1.19 -9.50
N ASN B 360 31.65 1.05 -8.50
CA ASN B 360 31.99 0.29 -7.30
C ASN B 360 32.27 -1.19 -7.61
N VAL B 361 31.49 -1.80 -8.48
CA VAL B 361 31.62 -3.24 -8.72
C VAL B 361 32.95 -3.57 -9.42
N ARG B 362 33.43 -2.69 -10.31
CA ARG B 362 34.70 -2.88 -11.01
C ARG B 362 35.88 -2.77 -10.04
N ALA B 363 35.81 -1.83 -9.12
CA ALA B 363 36.86 -1.62 -8.14
C ALA B 363 37.00 -2.86 -7.26
N ALA B 364 35.86 -3.41 -6.84
CA ALA B 364 35.87 -4.68 -6.12
C ALA B 364 36.26 -5.78 -7.08
N GLY B 365 36.54 -6.96 -6.55
CA GLY B 365 36.80 -8.13 -7.38
C GLY B 365 35.68 -8.34 -8.37
N PHE B 366 36.02 -8.45 -9.65
CA PHE B 366 35.02 -8.57 -10.70
C PHE B 366 34.61 -10.02 -10.90
N ASP B 367 33.50 -10.42 -10.29
CA ASP B 367 32.89 -11.73 -10.52
C ASP B 367 32.54 -11.88 -11.99
N GLU B 368 32.55 -13.12 -12.48
CA GLU B 368 32.25 -13.41 -13.89
C GLU B 368 30.81 -13.02 -14.25
N ILE B 369 29.87 -13.39 -13.39
CA ILE B 369 28.47 -12.97 -13.50
C ILE B 369 28.36 -11.45 -13.50
N GLU B 370 29.09 -10.81 -12.59
CA GLU B 370 29.04 -9.37 -12.43
C GLU B 370 29.53 -8.67 -13.70
N GLN B 371 30.48 -9.29 -14.39
CA GLN B 371 30.92 -8.81 -15.69
C GLN B 371 29.76 -8.76 -16.69
N ASP B 372 28.96 -9.81 -16.72
CA ASP B 372 27.83 -9.91 -17.63
C ASP B 372 26.80 -8.83 -17.35
N LEU B 373 26.45 -8.68 -16.07
CA LEU B 373 25.47 -7.68 -15.65
C LEU B 373 25.90 -6.26 -16.05
N THR B 374 27.14 -5.89 -15.71
CA THR B 374 27.70 -4.59 -16.08
C THR B 374 27.72 -4.42 -17.60
N GLN B 375 28.05 -5.49 -18.32
CA GLN B 375 28.06 -5.46 -19.77
C GLN B 375 26.66 -5.10 -20.28
N ARG B 376 25.66 -5.77 -19.72
CA ARG B 376 24.26 -5.56 -20.08
C ARG B 376 23.79 -4.13 -19.82
N PHE B 377 24.19 -3.57 -18.69
CA PHE B 377 23.92 -2.16 -18.43
C PHE B 377 24.63 -1.29 -19.46
N GLU B 378 25.89 -1.65 -19.74
CA GLU B 378 26.72 -0.85 -20.63
C GLU B 378 26.17 -0.78 -22.05
N GLU B 379 25.57 -1.88 -22.51
CA GLU B 379 24.99 -1.94 -23.84
C GLU B 379 23.89 -0.89 -24.02
N LYS B 380 23.09 -0.70 -22.98
CA LYS B 380 21.97 0.23 -23.03
C LYS B 380 22.36 1.64 -22.56
N LEU B 381 23.61 1.83 -22.15
CA LEU B 381 24.05 3.10 -21.57
C LEU B 381 23.99 4.30 -22.53
N GLN B 382 24.58 4.15 -23.72
CA GLN B 382 24.60 5.22 -24.73
C GLN B 382 23.21 5.81 -24.93
N GLU B 383 22.21 4.95 -25.09
CA GLU B 383 20.84 5.38 -25.27
C GLU B 383 20.30 6.06 -24.01
N LEU B 384 20.59 5.49 -22.85
CA LEU B 384 20.20 6.06 -21.55
C LEU B 384 20.68 7.51 -21.34
N GLU B 385 21.89 7.80 -21.78
CA GLU B 385 22.45 9.15 -21.67
C GLU B 385 21.67 10.13 -22.51
N SER B 386 21.33 9.69 -23.71
CA SER B 386 20.59 10.51 -24.67
C SER B 386 19.21 10.90 -24.14
N VAL B 387 18.46 9.92 -23.60
CA VAL B 387 17.13 10.22 -23.10
C VAL B 387 17.20 11.06 -21.82
N SER B 388 18.24 10.85 -21.02
CA SER B 388 18.46 11.66 -19.82
C SER B 388 18.74 13.11 -20.18
N ARG B 389 19.36 13.32 -21.34
CA ARG B 389 19.75 14.65 -21.83
C ARG B 389 18.60 15.43 -22.48
N ASP B 390 17.66 14.68 -23.05
CA ASP B 390 16.48 15.24 -23.73
C ASP B 390 15.57 15.99 -22.75
N PRO B 391 15.25 17.26 -23.06
CA PRO B 391 14.33 18.07 -22.26
C PRO B 391 12.91 17.51 -22.16
N SER B 392 12.42 16.83 -23.19
CA SER B 392 11.04 16.31 -23.20
C SER B 392 10.83 15.21 -22.18
N ASN B 393 11.91 14.57 -21.76
CA ASN B 393 11.81 13.51 -20.77
C ASN B 393 11.86 14.02 -19.32
N GLU B 394 11.70 15.32 -19.13
CA GLU B 394 11.83 15.95 -17.81
C GLU B 394 10.64 15.64 -16.89
N ASN B 395 10.89 15.69 -15.59
CA ASN B 395 9.90 15.39 -14.57
C ASN B 395 8.90 16.55 -14.36
N PRO B 396 7.60 16.28 -14.58
CA PRO B 396 6.53 17.24 -14.32
C PRO B 396 6.47 17.62 -12.85
N LYS B 397 6.73 16.65 -11.96
CA LYS B 397 6.80 16.93 -10.53
C LYS B 397 7.82 18.01 -10.22
N LEU B 398 8.98 17.94 -10.87
CA LEU B 398 10.05 18.90 -10.65
C LEU B 398 9.66 20.28 -11.17
N GLU B 399 8.89 20.32 -12.26
CA GLU B 399 8.35 21.57 -12.77
C GLU B 399 7.45 22.23 -11.73
N ASP B 400 6.56 21.45 -11.12
CA ASP B 400 5.66 21.98 -10.10
C ASP B 400 6.43 22.49 -8.87
N LEU B 401 7.46 21.75 -8.47
CA LEU B 401 8.27 22.15 -7.32
C LEU B 401 9.01 23.45 -7.61
N CYS B 402 9.53 23.55 -8.83
CA CYS B 402 10.25 24.74 -9.28
C CYS B 402 9.37 25.99 -9.26
N PHE B 403 8.12 25.85 -9.69
CA PHE B 403 7.22 26.99 -9.74
C PHE B 403 6.89 27.52 -8.35
N ILE B 404 6.58 26.60 -7.43
CA ILE B 404 6.23 26.97 -6.08
C ILE B 404 7.41 27.72 -5.43
N LEU B 405 8.63 27.21 -5.61
CA LEU B 405 9.81 27.86 -5.06
C LEU B 405 10.00 29.28 -5.63
N GLN B 406 9.89 29.42 -6.94
CA GLN B 406 10.02 30.72 -7.60
C GLN B 406 8.97 31.72 -7.10
N GLU B 407 7.72 31.28 -7.05
CA GLU B 407 6.61 32.12 -6.62
C GLU B 407 6.80 32.65 -5.21
N GLU B 408 7.18 31.76 -4.28
CA GLU B 408 7.33 32.14 -2.89
C GLU B 408 8.53 33.03 -2.66
N TYR B 409 9.63 32.74 -3.35
CA TYR B 409 10.86 33.50 -3.20
C TYR B 409 10.78 34.84 -3.94
N HIS B 410 9.91 34.90 -4.93
CA HIS B 410 9.62 36.17 -5.56
C HIS B 410 8.83 37.03 -4.59
N LEU B 411 7.84 36.42 -3.93
CA LEU B 411 7.04 37.12 -2.92
C LEU B 411 7.91 37.59 -1.77
N ASN B 412 8.92 36.79 -1.46
CA ASN B 412 9.82 37.06 -0.36
C ASN B 412 11.16 36.38 -0.62
N PRO B 413 12.16 37.14 -1.06
CA PRO B 413 13.55 36.69 -1.23
C PRO B 413 14.17 36.15 0.05
N GLU B 414 13.65 36.60 1.19
CA GLU B 414 14.23 36.30 2.50
C GLU B 414 13.89 34.89 2.96
N THR B 415 12.95 34.22 2.31
CA THR B 415 12.43 32.96 2.86
C THR B 415 13.53 31.92 3.05
N ILE B 416 13.38 31.17 4.12
CA ILE B 416 14.23 30.03 4.40
C ILE B 416 13.30 28.82 4.27
N THR B 417 13.71 27.84 3.49
CA THR B 417 12.83 26.73 3.16
C THR B 417 13.37 25.42 3.71
N ILE B 418 12.48 24.52 4.11
CA ILE B 418 12.89 23.15 4.39
C ILE B 418 12.10 22.20 3.50
N LEU B 419 12.83 21.39 2.73
CA LEU B 419 12.24 20.44 1.79
C LEU B 419 12.36 19.02 2.33
N PHE B 420 11.24 18.32 2.40
CA PHE B 420 11.23 16.94 2.88
C PHE B 420 11.01 15.93 1.78
N VAL B 421 11.95 14.98 1.68
CA VAL B 421 11.90 13.98 0.64
C VAL B 421 11.91 12.57 1.19
N LYS B 422 11.75 11.61 0.28
CA LYS B 422 11.55 10.20 0.63
C LYS B 422 12.80 9.52 1.18
N THR B 423 13.91 9.61 0.43
CA THR B 423 15.12 8.84 0.72
C THR B 423 16.37 9.72 0.84
N ARG B 424 17.37 9.21 1.56
CA ARG B 424 18.64 9.92 1.75
C ARG B 424 19.35 10.11 0.42
N ALA B 425 19.17 9.14 -0.47
CA ALA B 425 19.70 9.24 -1.83
C ALA B 425 18.98 10.35 -2.58
N LEU B 426 17.68 10.48 -2.34
CA LEU B 426 16.88 11.51 -2.97
C LEU B 426 17.27 12.92 -2.53
N VAL B 427 17.64 13.05 -1.26
CA VAL B 427 18.19 14.30 -0.73
C VAL B 427 19.31 14.82 -1.62
N ASP B 428 20.24 13.92 -1.97
CA ASP B 428 21.36 14.27 -2.83
C ASP B 428 20.88 14.71 -4.20
N ALA B 429 19.92 13.96 -4.77
CA ALA B 429 19.39 14.25 -6.10
C ALA B 429 18.81 15.66 -6.18
N LEU B 430 17.89 15.96 -5.26
CA LEU B 430 17.27 17.28 -5.19
C LEU B 430 18.31 18.40 -5.05
N LYS B 431 19.27 18.22 -4.14
CA LYS B 431 20.31 19.22 -3.97
C LYS B 431 21.00 19.48 -5.30
N ASN B 432 21.35 18.41 -6.00
CA ASN B 432 22.02 18.52 -7.29
C ASN B 432 21.10 19.13 -8.36
N TRP B 433 19.81 18.82 -8.26
CA TRP B 433 18.83 19.40 -9.17
C TRP B 433 18.76 20.92 -9.04
N ILE B 434 18.60 21.42 -7.81
CA ILE B 434 18.50 22.86 -7.56
C ILE B 434 19.72 23.60 -8.12
N GLU B 435 20.91 23.13 -7.76
CA GLU B 435 22.15 23.75 -8.22
C GLU B 435 22.23 23.76 -9.74
N GLY B 436 21.66 22.72 -10.36
CA GLY B 436 21.70 22.61 -11.80
C GLY B 436 20.72 23.54 -12.50
N ASN B 437 19.63 23.87 -11.81
CA ASN B 437 18.52 24.59 -12.41
C ASN B 437 18.76 26.10 -12.45
N PRO B 438 18.81 26.69 -13.66
CA PRO B 438 19.02 28.13 -13.87
C PRO B 438 17.90 28.97 -13.26
N LYS B 439 16.69 28.43 -13.20
CA LYS B 439 15.55 29.11 -12.61
C LYS B 439 15.65 29.27 -11.09
N LEU B 440 16.58 28.54 -10.46
CA LEU B 440 16.64 28.48 -9.01
C LEU B 440 17.98 28.97 -8.46
N SER B 441 18.55 29.99 -9.10
CA SER B 441 19.83 30.57 -8.69
C SER B 441 19.78 31.24 -7.32
N PHE B 442 18.61 31.73 -6.93
CA PHE B 442 18.45 32.35 -5.61
C PHE B 442 18.66 31.36 -4.48
N LEU B 443 18.43 30.07 -4.75
CA LEU B 443 18.56 29.04 -3.73
C LEU B 443 20.02 28.67 -3.49
N LYS B 444 20.40 28.59 -2.22
CA LYS B 444 21.65 27.99 -1.80
C LYS B 444 21.31 26.76 -0.99
N PRO B 445 21.46 25.57 -1.59
CA PRO B 445 20.97 24.34 -0.96
C PRO B 445 22.02 23.60 -0.14
N GLY B 446 21.61 23.14 1.04
CA GLY B 446 22.46 22.36 1.90
C GLY B 446 21.71 21.30 2.68
N ILE B 447 22.45 20.29 3.15
CA ILE B 447 21.87 19.20 3.93
C ILE B 447 21.67 19.61 5.40
N SER B 475 29.29 24.42 3.20
CA SER B 475 28.76 25.69 2.71
C SER B 475 28.15 26.46 3.87
N GLY B 476 27.75 27.72 3.62
CA GLY B 476 27.19 28.54 4.67
C GLY B 476 26.05 29.44 4.23
N ASP B 477 25.16 29.75 5.18
CA ASP B 477 24.02 30.64 4.98
C ASP B 477 23.11 30.13 3.87
N HIS B 478 22.77 28.85 3.93
CA HIS B 478 21.83 28.25 2.98
C HIS B 478 20.45 28.82 3.25
N ASN B 479 19.66 29.07 2.20
CA ASN B 479 18.29 29.53 2.40
C ASN B 479 17.29 28.42 2.14
N ILE B 480 17.80 27.20 1.97
CA ILE B 480 16.95 26.01 1.88
C ILE B 480 17.71 24.75 2.32
N LEU B 481 17.01 23.86 3.03
CA LEU B 481 17.61 22.61 3.46
C LEU B 481 16.75 21.41 3.04
N ILE B 482 17.43 20.33 2.68
CA ILE B 482 16.76 19.11 2.24
C ILE B 482 16.88 18.04 3.33
N ALA B 483 15.76 17.42 3.68
CA ALA B 483 15.79 16.43 4.75
C ALA B 483 14.93 15.22 4.46
N THR B 484 15.16 14.16 5.22
CA THR B 484 14.39 12.94 5.10
C THR B 484 13.64 12.65 6.38
N ILE B 493 12.09 22.72 13.87
CA ILE B 493 10.70 23.17 13.86
C ILE B 493 10.59 24.41 12.96
N ALA B 494 9.73 25.36 13.33
CA ALA B 494 9.42 26.49 12.46
C ALA B 494 10.36 27.68 12.65
N GLN B 495 11.63 27.48 12.29
CA GLN B 495 12.58 28.58 12.20
C GLN B 495 12.63 29.04 10.75
N CYS B 496 11.84 28.35 9.94
CA CYS B 496 11.72 28.61 8.51
C CYS B 496 10.28 28.90 8.18
N ASN B 497 10.05 29.70 7.14
CA ASN B 497 8.69 30.11 6.81
C ASN B 497 8.11 29.38 5.60
N LEU B 498 8.86 28.43 5.06
CA LEU B 498 8.35 27.57 3.99
C LEU B 498 8.75 26.12 4.25
N VAL B 499 7.76 25.24 4.34
CA VAL B 499 8.00 23.81 4.43
C VAL B 499 7.27 23.07 3.30
N ILE B 500 8.01 22.27 2.53
CA ILE B 500 7.42 21.50 1.44
C ILE B 500 7.59 19.99 1.63
N LEU B 501 6.48 19.26 1.61
CA LEU B 501 6.51 17.81 1.65
C LEU B 501 6.43 17.28 0.24
N TYR B 502 7.54 16.76 -0.27
CA TYR B 502 7.65 16.32 -1.65
C TYR B 502 7.49 14.80 -1.75
N GLU B 503 6.26 14.37 -2.04
CA GLU B 503 5.90 12.95 -2.11
C GLU B 503 6.30 12.24 -0.83
N TYR B 504 6.15 12.96 0.28
CA TYR B 504 6.72 12.57 1.56
C TYR B 504 5.63 12.18 2.54
N VAL B 505 5.80 11.04 3.19
CA VAL B 505 4.78 10.53 4.09
C VAL B 505 5.18 10.74 5.56
N GLY B 506 4.21 11.17 6.36
CA GLY B 506 4.44 11.44 7.77
C GLY B 506 4.93 12.85 8.08
N ASN B 507 4.73 13.29 9.31
CA ASN B 507 5.32 14.53 9.80
C ASN B 507 6.13 14.19 11.05
N VAL B 508 7.40 14.58 11.08
CA VAL B 508 8.30 14.18 12.16
C VAL B 508 8.86 15.39 12.91
N GLY B 522 4.21 34.05 9.62
CA GLY B 522 3.24 33.52 8.68
C GLY B 522 3.85 32.50 7.73
N SER B 523 4.18 31.33 8.24
CA SER B 523 4.79 30.29 7.41
C SER B 523 3.76 29.60 6.53
N LYS B 524 4.24 28.96 5.48
CA LYS B 524 3.41 28.16 4.59
C LYS B 524 3.92 26.72 4.56
N CYS B 525 3.00 25.77 4.43
CA CYS B 525 3.36 24.37 4.26
C CYS B 525 2.72 23.77 3.02
N PHE B 526 3.55 23.34 2.07
CA PHE B 526 3.06 22.75 0.83
C PHE B 526 3.16 21.24 0.86
N LEU B 527 2.06 20.58 0.48
CA LEU B 527 2.05 19.12 0.37
C LEU B 527 1.92 18.70 -1.09
N LEU B 528 2.96 18.05 -1.62
CA LEU B 528 2.94 17.56 -3.00
C LEU B 528 2.90 16.03 -3.06
N THR B 529 1.84 15.46 -3.62
CA THR B 529 1.66 14.00 -3.65
C THR B 529 0.98 13.49 -4.93
N SER B 530 1.32 12.26 -5.31
CA SER B 530 0.72 11.59 -6.48
C SER B 530 -0.61 10.92 -6.15
N ASN B 531 -0.93 10.90 -4.87
CA ASN B 531 -2.12 10.22 -4.37
C ASN B 531 -3.34 11.15 -4.49
N ALA B 532 -4.29 10.77 -5.34
CA ALA B 532 -5.45 11.61 -5.63
C ALA B 532 -6.46 11.53 -4.50
N GLY B 533 -6.53 10.35 -3.89
CA GLY B 533 -7.39 10.12 -2.75
C GLY B 533 -7.18 11.12 -1.64
N VAL B 534 -5.94 11.25 -1.17
CA VAL B 534 -5.65 12.23 -0.12
C VAL B 534 -5.88 13.67 -0.60
N ILE B 535 -5.48 13.98 -1.84
CA ILE B 535 -5.64 15.35 -2.32
C ILE B 535 -7.13 15.72 -2.37
N GLU B 536 -7.97 14.75 -2.72
CA GLU B 536 -9.41 14.99 -2.82
C GLU B 536 -10.02 15.17 -1.44
N LYS B 537 -9.61 14.33 -0.49
CA LYS B 537 -10.08 14.43 0.89
C LYS B 537 -9.75 15.78 1.52
N GLU B 538 -8.60 16.34 1.16
CA GLU B 538 -8.20 17.65 1.67
C GLU B 538 -8.98 18.76 0.98
N GLN B 539 -9.35 18.52 -0.27
CA GLN B 539 -10.14 19.48 -1.02
C GLN B 539 -11.51 19.66 -0.36
N ILE B 540 -12.11 18.55 0.02
CA ILE B 540 -13.41 18.53 0.70
C ILE B 540 -13.35 19.25 2.04
N ASN B 541 -12.34 18.91 2.84
CA ASN B 541 -12.14 19.52 4.15
C ASN B 541 -11.98 21.04 4.08
N MET B 542 -11.09 21.52 3.22
CA MET B 542 -10.90 22.94 3.03
C MET B 542 -12.21 23.63 2.65
N TYR B 543 -12.99 22.96 1.82
CA TYR B 543 -14.26 23.50 1.35
C TYR B 543 -15.19 23.74 2.52
N LYS B 544 -15.30 22.75 3.40
CA LYS B 544 -16.13 22.87 4.60
C LYS B 544 -15.62 23.94 5.55
N GLU B 545 -14.32 23.91 5.82
CA GLU B 545 -13.67 24.95 6.63
C GLU B 545 -13.94 26.34 6.06
N LYS B 546 -13.75 26.47 4.74
CA LYS B 546 -14.06 27.72 4.05
C LYS B 546 -15.52 28.13 4.27
N MET B 547 -16.43 27.19 4.02
CA MET B 547 -17.86 27.42 4.19
C MET B 547 -18.20 27.87 5.61
N MET B 548 -17.66 27.14 6.59
CA MET B 548 -17.90 27.44 7.99
C MET B 548 -17.32 28.82 8.35
N ASN B 549 -16.06 29.03 8.00
CA ASN B 549 -15.41 30.32 8.24
C ASN B 549 -16.08 31.46 7.47
N ASP B 550 -16.47 31.21 6.22
CA ASP B 550 -17.18 32.22 5.43
C ASP B 550 -18.51 32.63 6.08
N SER B 551 -19.24 31.64 6.57
CA SER B 551 -20.59 31.84 7.13
C SER B 551 -20.52 32.68 8.41
N ILE B 552 -19.51 32.42 9.24
CA ILE B 552 -19.38 33.14 10.51
C ILE B 552 -19.13 34.63 10.21
N LEU B 553 -18.22 34.91 9.29
CA LEU B 553 -17.98 36.27 8.82
C LEU B 553 -19.27 36.98 8.39
N ARG B 554 -20.12 36.27 7.66
CA ARG B 554 -21.35 36.89 7.17
C ARG B 554 -22.24 37.26 8.35
N LEU B 555 -22.59 36.27 9.16
CA LEU B 555 -23.45 36.48 10.32
C LEU B 555 -22.92 37.49 11.33
N GLN B 556 -21.60 37.48 11.54
CA GLN B 556 -20.99 38.33 12.54
C GLN B 556 -21.18 39.82 12.21
N THR B 557 -21.34 40.12 10.93
CA THR B 557 -21.45 41.50 10.47
C THR B 557 -22.82 42.11 10.80
N TRP B 558 -23.86 41.28 10.79
CA TRP B 558 -25.24 41.74 10.95
C TRP B 558 -25.47 42.44 12.29
N ASP B 559 -26.50 43.29 12.35
CA ASP B 559 -26.91 43.86 13.63
C ASP B 559 -27.40 42.71 14.48
N GLU B 560 -27.17 42.80 15.79
CA GLU B 560 -27.58 41.75 16.71
C GLU B 560 -29.07 41.48 16.57
N ALA B 561 -29.86 42.54 16.52
CA ALA B 561 -31.30 42.46 16.42
C ALA B 561 -31.79 41.65 15.22
N VAL B 562 -31.14 41.82 14.08
CA VAL B 562 -31.65 41.31 12.79
C VAL B 562 -31.94 39.81 12.71
N PHE B 563 -31.04 38.96 13.20
CA PHE B 563 -31.33 37.53 13.06
C PHE B 563 -32.04 36.90 14.25
N ARG B 564 -32.15 37.64 15.35
CA ARG B 564 -32.80 37.11 16.54
C ARG B 564 -34.18 36.58 16.22
N GLU B 565 -34.95 37.34 15.43
CA GLU B 565 -36.26 36.90 14.94
C GLU B 565 -36.11 35.63 14.14
N LYS B 566 -35.11 35.62 13.24
CA LYS B 566 -34.77 34.40 12.53
C LYS B 566 -34.43 33.31 13.53
N ILE B 567 -33.52 33.58 14.45
CA ILE B 567 -33.21 32.58 15.46
C ILE B 567 -34.53 32.25 16.25
N LEU B 568 -35.20 33.28 16.79
CA LEU B 568 -36.55 33.14 17.38
C LEU B 568 -37.49 32.31 16.49
N HIS B 569 -37.52 32.62 15.19
CA HIS B 569 -38.36 31.86 14.28
C HIS B 569 -37.95 30.38 14.27
N ILE B 570 -36.65 30.11 14.25
CA ILE B 570 -36.17 28.73 14.24
C ILE B 570 -36.51 28.03 15.55
N GLN B 571 -36.23 28.70 16.68
CA GLN B 571 -36.60 28.19 17.99
C GLN B 571 -38.08 27.85 18.02
N THR B 572 -38.89 28.83 17.58
CA THR B 572 -40.33 28.67 17.48
C THR B 572 -40.71 27.46 16.64
N HIS B 573 -40.14 27.35 15.44
CA HIS B 573 -40.45 26.25 14.55
C HIS B 573 -40.04 24.90 15.17
N GLU B 574 -38.83 24.82 15.72
CA GLU B 574 -38.37 23.58 16.35
C GLU B 574 -39.25 23.19 17.53
N LYS B 575 -39.69 24.19 18.30
CA LYS B 575 -40.58 23.94 19.42
C LYS B 575 -41.92 23.38 18.96
N PHE B 576 -42.46 23.93 17.86
CA PHE B 576 -43.67 23.40 17.24
C PHE B 576 -43.53 21.92 16.85
N ILE B 577 -42.46 21.59 16.13
CA ILE B 577 -42.19 20.21 15.75
C ILE B 577 -42.05 19.34 17.00
N ARG B 578 -41.41 19.89 18.03
CA ARG B 578 -41.23 19.19 19.31
C ARG B 578 -42.58 18.92 19.99
N ASP B 579 -43.47 19.92 19.95
CA ASP B 579 -44.82 19.76 20.47
C ASP B 579 -45.61 18.70 19.70
N SER B 580 -45.29 18.57 18.41
CA SER B 580 -46.05 17.77 17.44
C SER B 580 -47.46 18.32 17.24
S SO4 C . 15.35 -27.32 -16.72
O1 SO4 C . 14.17 -26.53 -17.02
O2 SO4 C . 15.87 -26.97 -15.40
O3 SO4 C . 14.98 -28.73 -16.76
O4 SO4 C . 16.39 -27.08 -17.72
S SO4 D . -5.24 -1.84 5.11
O1 SO4 D . -4.62 -0.55 5.57
O2 SO4 D . -6.13 -2.36 6.22
O3 SO4 D . -6.06 -1.56 3.87
O4 SO4 D . -4.16 -2.85 4.80
S SO4 E . -9.44 25.52 25.35
O1 SO4 E . -10.83 25.24 25.05
O2 SO4 E . -9.17 25.46 26.78
O3 SO4 E . -8.59 24.54 24.69
O4 SO4 E . -9.14 26.87 24.91
S SO4 F . 5.17 2.93 -3.05
O1 SO4 F . 4.23 3.62 -3.93
O2 SO4 F . 5.04 3.43 -1.68
O3 SO4 F . 4.92 1.48 -3.09
O4 SO4 F . 6.53 3.18 -3.51
CL CL G . 0.71 8.66 -0.41
#